data_1ZY7
#
_entry.id   1ZY7
#
_cell.length_a   52.205
_cell.length_b   121.192
_cell.length_c   127.331
_cell.angle_alpha   90.00
_cell.angle_beta   90.00
_cell.angle_gamma   90.00
#
_symmetry.space_group_name_H-M   'P 21 21 21'
#
loop_
_entity.id
_entity.type
_entity.pdbx_description
1 polymer 'RNA-specific adenosine deaminase B1, isoform DRADA2a'
2 non-polymer 'ZINC ION'
3 non-polymer 'INOSITOL HEXAKISPHOSPHATE'
4 non-polymer 'SULFATE ION'
5 water water
#
_entity_poly.entity_id   1
_entity_poly.type   'polypeptide(L)'
_entity_poly.pdbx_seq_one_letter_code
;LHLDQTPSRQPIPSEGLQLHLPQVLADAVSRLVLGKFGDLTDNFSSPHARRKVLAGVVMTTGTDVKDAKVISVSTGTKCI
NGEYMSDRGLALNDCHAEIISRRSLLRFLYTQLELYLNNKDDQKRSIFQKSERGGFRLKENVQFHLYISTSPCGDARIFS
PHEPILEEPADRHPNRKARGQLRTKIESGEGTIPVRSNASIQTWDGVLQGERLLTMSCSDKIARWNVVGIQGSLLSIFVE
PIYFSSIILGSLYHGDHLSRAMYQRISNIEDLPPLYTLNKPLLSGISNAEARQPGKAPNFSVNWTVGDSAIEVINATTGK
DELGRASRLCKHALYCRWMRVHGKVPSHLLRSKITKPNVYHESKLAAKEYQAAKARLFTAFIKAGLGAWVEKPTEQDQFS
LTP
;
_entity_poly.pdbx_strand_id   A,B
#
# COMPACT_ATOMS: atom_id res chain seq x y z
N SER A 8 -17.41 8.79 -19.26
CA SER A 8 -16.02 9.04 -19.76
C SER A 8 -15.23 9.97 -18.84
N ARG A 9 -15.94 10.63 -17.91
CA ARG A 9 -15.28 11.47 -16.90
C ARG A 9 -15.04 10.81 -15.53
N GLN A 10 -15.46 9.55 -15.38
CA GLN A 10 -15.34 8.84 -14.08
C GLN A 10 -13.89 8.33 -13.99
N PRO A 11 -13.30 8.25 -12.79
CA PRO A 11 -11.95 7.67 -12.66
C PRO A 11 -11.92 6.19 -13.06
N ILE A 12 -10.80 5.74 -13.61
CA ILE A 12 -10.60 4.33 -13.91
C ILE A 12 -9.77 3.76 -12.76
N PRO A 13 -10.32 2.79 -12.03
CA PRO A 13 -9.59 2.18 -10.92
C PRO A 13 -8.25 1.58 -11.37
N SER A 14 -7.26 1.59 -10.49
CA SER A 14 -6.01 0.87 -10.75
C SER A 14 -6.36 -0.60 -10.84
N GLU A 15 -5.65 -1.33 -11.68
CA GLU A 15 -5.89 -2.78 -11.65
C GLU A 15 -5.07 -3.41 -10.51
N GLY A 16 -4.23 -2.59 -9.88
CA GLY A 16 -3.40 -3.03 -8.74
C GLY A 16 -3.84 -2.45 -7.38
N LEU A 17 -2.90 -2.03 -6.56
CA LEU A 17 -3.22 -1.43 -5.26
C LEU A 17 -3.89 -0.08 -5.47
N GLN A 18 -4.73 0.31 -4.52
CA GLN A 18 -5.37 1.61 -4.53
C GLN A 18 -5.75 1.90 -3.08
N LEU A 19 -4.97 2.78 -2.45
CA LEU A 19 -4.98 3.00 -1.00
C LEU A 19 -5.65 4.30 -0.55
N HIS A 20 -6.05 5.09 -1.53
CA HIS A 20 -6.66 6.40 -1.30
C HIS A 20 -7.93 6.46 -2.10
N LEU A 21 -8.92 7.18 -1.58
CA LEU A 21 -10.12 7.50 -2.37
C LEU A 21 -9.70 8.25 -3.64
N PRO A 22 -10.05 7.72 -4.82
CA PRO A 22 -9.56 8.29 -6.09
C PRO A 22 -9.73 9.78 -6.29
N GLN A 23 -10.95 10.30 -6.11
CA GLN A 23 -11.20 11.72 -6.40
C GLN A 23 -10.50 12.62 -5.37
N VAL A 24 -10.48 12.16 -4.12
CA VAL A 24 -9.73 12.82 -3.02
C VAL A 24 -8.25 12.92 -3.34
N LEU A 25 -7.65 11.78 -3.73
CA LEU A 25 -6.25 11.75 -4.13
C LEU A 25 -6.00 12.66 -5.34
N ALA A 26 -6.87 12.58 -6.35
CA ALA A 26 -6.70 13.40 -7.56
C ALA A 26 -6.68 14.90 -7.26
N ASP A 27 -7.66 15.35 -6.50
CA ASP A 27 -7.74 16.76 -6.12
C ASP A 27 -6.58 17.20 -5.24
N ALA A 28 -6.18 16.34 -4.30
CA ALA A 28 -5.05 16.65 -3.42
C ALA A 28 -3.76 16.76 -4.23
N VAL A 29 -3.47 15.80 -5.11
CA VAL A 29 -2.19 15.92 -5.80
C VAL A 29 -2.15 17.14 -6.72
N SER A 30 -3.26 17.41 -7.40
CA SER A 30 -3.35 18.58 -8.30
C SER A 30 -3.21 19.90 -7.52
N ARG A 31 -3.89 19.97 -6.37
CA ARG A 31 -3.72 21.13 -5.49
C ARG A 31 -2.27 21.30 -4.99
N LEU A 32 -1.64 20.19 -4.56
CA LEU A 32 -0.28 20.26 -4.01
C LEU A 32 0.70 20.71 -5.09
N VAL A 33 0.56 20.17 -6.31
CA VAL A 33 1.52 20.54 -7.36
C VAL A 33 1.36 22.02 -7.69
N LEU A 34 0.12 22.46 -7.89
CA LEU A 34 -0.14 23.90 -8.19
C LEU A 34 0.41 24.81 -7.08
N GLY A 35 0.19 24.41 -5.82
CA GLY A 35 0.64 25.20 -4.66
C GLY A 35 2.15 25.34 -4.64
N LYS A 36 2.84 24.22 -4.88
CA LYS A 36 4.29 24.22 -4.87
C LYS A 36 4.85 25.05 -6.01
N PHE A 37 4.26 24.92 -7.20
CA PHE A 37 4.63 25.74 -8.35
C PHE A 37 4.47 27.24 -7.99
N GLY A 38 3.40 27.57 -7.27
CA GLY A 38 3.18 28.99 -6.88
C GLY A 38 4.28 29.46 -5.95
N ASP A 39 4.58 28.64 -4.95
CA ASP A 39 5.64 28.93 -4.01
C ASP A 39 6.98 29.18 -4.71
N LEU A 40 7.26 28.37 -5.72
CA LEU A 40 8.51 28.46 -6.46
C LEU A 40 8.58 29.63 -7.43
N THR A 41 7.43 30.21 -7.76
CA THR A 41 7.39 31.31 -8.74
C THR A 41 6.93 32.59 -8.05
N ASP A 42 7.19 32.68 -6.76
CA ASP A 42 6.85 33.90 -5.99
C ASP A 42 5.36 34.24 -6.10
N ASN A 43 4.52 33.26 -5.72
CA ASN A 43 3.08 33.40 -5.87
C ASN A 43 2.63 33.66 -7.31
N PHE A 44 3.22 32.91 -8.24
CA PHE A 44 2.91 32.99 -9.66
C PHE A 44 3.24 34.38 -10.27
N SER A 45 4.17 35.11 -9.65
CA SER A 45 4.51 36.46 -10.13
C SER A 45 5.79 36.50 -10.96
N SER A 46 6.58 35.44 -10.89
CA SER A 46 7.81 35.31 -11.68
C SER A 46 7.48 35.31 -13.19
N PRO A 47 8.40 35.76 -14.05
CA PRO A 47 8.21 35.60 -15.50
C PRO A 47 8.08 34.09 -15.83
N HIS A 48 8.70 33.27 -15.00
CA HIS A 48 8.79 31.84 -15.23
C HIS A 48 7.50 31.12 -14.81
N ALA A 49 6.55 31.87 -14.24
CA ALA A 49 5.24 31.32 -13.86
C ALA A 49 4.37 31.09 -15.09
N ARG A 50 4.69 31.80 -16.18
CA ARG A 50 3.96 31.66 -17.41
C ARG A 50 4.13 30.21 -17.91
N ARG A 51 3.01 29.53 -18.08
CA ARG A 51 3.05 28.11 -18.49
C ARG A 51 1.81 27.77 -19.31
N LYS A 52 1.94 26.83 -20.24
CA LYS A 52 0.80 26.20 -20.88
C LYS A 52 0.51 24.91 -20.10
N VAL A 53 1.53 24.08 -19.87
CA VAL A 53 1.33 22.82 -19.18
C VAL A 53 2.19 22.76 -17.92
N LEU A 54 1.54 22.40 -16.82
CA LEU A 54 2.15 22.18 -15.53
C LEU A 54 2.06 20.67 -15.22
N ALA A 55 3.15 20.11 -14.71
CA ALA A 55 3.14 18.69 -14.32
C ALA A 55 3.84 18.59 -12.97
N GLY A 56 3.65 17.48 -12.29
CA GLY A 56 4.42 17.24 -11.10
C GLY A 56 4.30 15.80 -10.63
N VAL A 57 5.10 15.46 -9.62
CA VAL A 57 5.04 14.14 -9.00
C VAL A 57 4.82 14.37 -7.49
N VAL A 58 3.87 13.62 -6.93
CA VAL A 58 3.59 13.66 -5.50
C VAL A 58 3.80 12.26 -4.93
N MET A 59 4.43 12.17 -3.76
CA MET A 59 4.68 10.88 -3.10
C MET A 59 3.72 10.79 -1.91
N THR A 60 3.13 9.63 -1.72
CA THR A 60 2.37 9.33 -0.49
C THR A 60 3.06 8.17 0.23
N THR A 61 2.83 8.11 1.53
CA THR A 61 3.34 7.01 2.33
C THR A 61 2.12 6.60 3.15
N GLY A 62 1.79 5.31 3.14
CA GLY A 62 0.59 4.81 3.79
C GLY A 62 -0.72 5.34 3.25
N THR A 63 -1.70 5.48 4.14
CA THR A 63 -3.07 5.79 3.74
C THR A 63 -3.46 7.24 3.99
N ASP A 64 -2.68 7.98 4.78
CA ASP A 64 -3.07 9.34 5.11
C ASP A 64 -2.64 10.31 4.00
N VAL A 65 -3.62 10.88 3.29
CA VAL A 65 -3.34 11.83 2.18
C VAL A 65 -2.68 13.13 2.68
N LYS A 66 -2.86 13.43 3.96
CA LYS A 66 -2.20 14.56 4.62
C LYS A 66 -0.68 14.48 4.50
N ASP A 67 -0.14 13.27 4.47
CA ASP A 67 1.32 13.08 4.46
C ASP A 67 1.97 13.24 3.11
N ALA A 68 1.16 13.49 2.10
CA ALA A 68 1.66 13.64 0.73
C ALA A 68 2.75 14.71 0.63
N LYS A 69 3.76 14.44 -0.19
CA LYS A 69 4.91 15.32 -0.34
C LYS A 69 5.14 15.55 -1.84
N VAL A 70 5.27 16.82 -2.23
CA VAL A 70 5.59 17.15 -3.63
C VAL A 70 7.05 16.83 -3.88
N ILE A 71 7.31 15.98 -4.87
CA ILE A 71 8.64 15.57 -5.23
C ILE A 71 9.21 16.41 -6.36
N SER A 72 8.39 16.68 -7.36
CA SER A 72 8.86 17.49 -8.49
C SER A 72 7.71 18.33 -9.06
N VAL A 73 8.09 19.43 -9.71
CA VAL A 73 7.18 20.35 -10.41
C VAL A 73 7.88 20.72 -11.70
N SER A 74 7.14 20.84 -12.79
CA SER A 74 7.75 21.20 -14.06
C SER A 74 6.73 21.86 -14.99
N THR A 75 7.26 22.56 -15.98
CA THR A 75 6.43 23.07 -17.07
C THR A 75 7.13 22.81 -18.40
N GLY A 76 6.43 23.07 -19.50
CA GLY A 76 7.08 22.96 -20.82
C GLY A 76 6.27 22.19 -21.84
N THR A 77 6.39 22.58 -23.13
CA THR A 77 5.65 21.89 -24.19
C THR A 77 6.49 21.67 -25.44
N LYS A 78 7.80 21.82 -25.35
CA LYS A 78 8.63 21.75 -26.54
C LYS A 78 9.82 20.83 -26.39
N CYS A 79 10.47 20.56 -27.53
CA CYS A 79 11.65 19.70 -27.57
C CYS A 79 12.82 20.35 -28.34
N ILE A 80 13.96 19.67 -28.32
CA ILE A 80 15.22 20.27 -28.80
C ILE A 80 15.25 20.42 -30.33
N ASN A 81 15.89 21.50 -30.79
CA ASN A 81 16.19 21.63 -32.21
C ASN A 81 17.32 20.65 -32.54
N GLY A 82 17.19 19.93 -33.66
CA GLY A 82 18.12 18.83 -34.01
C GLY A 82 19.59 19.26 -34.08
N GLU A 83 19.83 20.51 -34.45
CA GLU A 83 21.20 21.00 -34.55
C GLU A 83 21.91 21.12 -33.20
N TYR A 84 21.09 21.19 -32.13
CA TYR A 84 21.57 21.39 -30.78
C TYR A 84 21.79 20.10 -30.00
N MET A 85 21.58 18.95 -30.65
CA MET A 85 21.85 17.67 -29.97
C MET A 85 23.27 17.66 -29.40
N SER A 86 23.41 17.11 -28.20
CA SER A 86 24.72 17.05 -27.58
C SER A 86 25.29 15.65 -27.66
N ASP A 87 26.54 15.50 -28.06
CA ASP A 87 27.12 14.17 -28.01
C ASP A 87 27.92 13.95 -26.72
N ARG A 88 27.69 14.81 -25.72
CA ARG A 88 28.34 14.67 -24.41
C ARG A 88 27.34 14.65 -23.25
N GLY A 89 26.06 14.51 -23.58
CA GLY A 89 24.98 14.39 -22.57
C GLY A 89 24.62 15.70 -21.88
N LEU A 90 24.92 16.83 -22.52
CA LEU A 90 24.74 18.16 -21.89
C LEU A 90 23.46 18.92 -22.21
N ALA A 91 22.60 18.33 -23.05
CA ALA A 91 21.41 19.03 -23.55
C ALA A 91 20.17 18.18 -23.27
N LEU A 92 19.10 18.83 -22.83
CA LEU A 92 17.84 18.12 -22.64
C LEU A 92 17.14 17.96 -23.98
N ASN A 93 16.73 16.74 -24.30
CA ASN A 93 16.11 16.43 -25.57
C ASN A 93 14.61 16.77 -25.63
N ASP A 94 13.94 16.66 -24.49
CA ASP A 94 12.50 16.72 -24.46
C ASP A 94 12.05 17.45 -23.20
N CYS A 95 11.50 18.65 -23.40
CA CYS A 95 11.08 19.53 -22.30
C CYS A 95 9.55 19.59 -22.14
N HIS A 96 8.83 18.58 -22.66
CA HIS A 96 7.41 18.47 -22.24
C HIS A 96 7.37 18.28 -20.73
N ALA A 97 6.47 19.00 -20.07
CA ALA A 97 6.47 19.03 -18.60
C ALA A 97 6.48 17.65 -17.97
N GLU A 98 5.66 16.74 -18.47
CA GLU A 98 5.55 15.43 -17.85
C GLU A 98 6.86 14.65 -17.91
N ILE A 99 7.58 14.80 -19.03
CA ILE A 99 8.90 14.21 -19.19
C ILE A 99 9.92 14.79 -18.18
N ILE A 100 9.95 16.12 -18.09
CA ILE A 100 10.79 16.79 -17.12
C ILE A 100 10.50 16.38 -15.66
N SER A 101 9.22 16.18 -15.32
CA SER A 101 8.86 15.78 -13.95
C SER A 101 9.41 14.40 -13.60
N ARG A 102 9.40 13.46 -14.56
CA ARG A 102 10.09 12.19 -14.27
C ARG A 102 11.60 12.35 -14.04
N ARG A 103 12.28 13.16 -14.86
CA ARG A 103 13.73 13.28 -14.70
C ARG A 103 14.02 13.88 -13.30
N SER A 104 13.19 14.85 -12.89
CA SER A 104 13.30 15.45 -11.56
C SER A 104 13.10 14.41 -10.46
N LEU A 105 12.14 13.50 -10.66
CA LEU A 105 11.95 12.38 -9.76
C LEU A 105 13.23 11.52 -9.66
N LEU A 106 13.93 11.32 -10.79
CA LEU A 106 15.18 10.56 -10.75
C LEU A 106 16.19 11.13 -9.74
N ARG A 107 16.34 12.44 -9.74
CA ARG A 107 17.23 13.08 -8.77
C ARG A 107 16.83 12.77 -7.34
N PHE A 108 15.53 12.85 -7.06
CA PHE A 108 15.02 12.50 -5.73
C PHE A 108 15.38 11.05 -5.40
N LEU A 109 15.23 10.14 -6.36
CA LEU A 109 15.60 8.73 -6.14
C LEU A 109 17.10 8.55 -5.81
N TYR A 110 17.97 9.22 -6.55
CA TYR A 110 19.41 9.20 -6.23
C TYR A 110 19.64 9.71 -4.80
N THR A 111 19.01 10.83 -4.47
CA THR A 111 19.16 11.38 -3.11
C THR A 111 18.72 10.38 -2.03
N GLN A 112 17.60 9.70 -2.30
CA GLN A 112 17.07 8.72 -1.36
C GLN A 112 17.95 7.48 -1.19
N LEU A 113 18.59 7.04 -2.28
CA LEU A 113 19.59 5.99 -2.17
C LEU A 113 20.80 6.47 -1.35
N GLU A 114 21.24 7.70 -1.58
CA GLU A 114 22.34 8.26 -0.79
C GLU A 114 22.00 8.34 0.71
N LEU A 115 20.77 8.71 1.04
CA LEU A 115 20.33 8.66 2.45
C LEU A 115 20.45 7.25 3.04
N TYR A 116 19.98 6.24 2.29
CA TYR A 116 20.10 4.86 2.74
C TYR A 116 21.59 4.50 2.97
N LEU A 117 22.45 4.92 2.05
CA LEU A 117 23.88 4.53 2.09
C LEU A 117 24.78 5.35 3.02
N ASN A 118 24.35 6.56 3.36
CA ASN A 118 25.19 7.53 4.09
C ASN A 118 25.59 6.98 5.45
N ASN A 119 24.58 6.64 6.24
CA ASN A 119 24.80 6.23 7.64
C ASN A 119 23.47 5.76 8.22
N LYS A 120 23.50 5.18 9.42
CA LYS A 120 22.27 4.59 10.01
C LYS A 120 21.17 5.59 10.27
N ASP A 121 21.55 6.85 10.52
CA ASP A 121 20.57 7.87 10.88
C ASP A 121 19.87 8.46 9.68
N ASP A 122 20.66 8.84 8.68
CA ASP A 122 20.08 9.21 7.37
C ASP A 122 19.24 8.03 6.82
N GLN A 123 19.71 6.81 7.04
CA GLN A 123 19.03 5.61 6.52
C GLN A 123 17.56 5.52 6.97
N LYS A 124 17.29 5.93 8.22
CA LYS A 124 15.92 5.93 8.74
C LYS A 124 14.94 6.76 7.90
N ARG A 125 15.48 7.81 7.27
CA ARG A 125 14.72 8.79 6.51
C ARG A 125 14.49 8.30 5.05
N SER A 126 15.25 7.30 4.63
CA SER A 126 15.20 6.84 3.23
C SER A 126 13.91 6.11 2.94
N ILE A 127 13.38 6.31 1.73
CA ILE A 127 12.23 5.53 1.28
C ILE A 127 12.62 4.13 0.80
N PHE A 128 13.93 3.86 0.68
CA PHE A 128 14.41 2.55 0.30
C PHE A 128 14.74 1.63 1.48
N GLN A 129 14.56 0.34 1.23
CA GLN A 129 15.00 -0.75 2.13
C GLN A 129 15.81 -1.77 1.32
N LYS A 130 16.61 -2.60 2.00
CA LYS A 130 17.32 -3.68 1.33
C LYS A 130 16.28 -4.64 0.72
N SER A 131 16.56 -5.13 -0.48
CA SER A 131 15.74 -6.20 -1.02
C SER A 131 16.43 -7.55 -0.85
N GLU A 132 15.65 -8.56 -0.47
CA GLU A 132 16.17 -9.93 -0.32
C GLU A 132 16.64 -10.49 -1.66
N ARG A 133 16.15 -9.88 -2.74
CA ARG A 133 16.50 -10.29 -4.10
C ARG A 133 17.78 -9.65 -4.59
N GLY A 134 18.35 -8.72 -3.81
CA GLY A 134 19.58 -7.99 -4.16
C GLY A 134 19.23 -6.52 -4.32
N GLY A 135 20.19 -5.63 -4.08
CA GLY A 135 19.93 -4.20 -4.19
C GLY A 135 18.83 -3.73 -3.24
N PHE A 136 18.06 -2.75 -3.71
CA PHE A 136 17.12 -2.03 -2.85
C PHE A 136 15.75 -2.00 -3.49
N ARG A 137 14.71 -1.84 -2.67
CA ARG A 137 13.34 -1.64 -3.14
C ARG A 137 12.60 -0.65 -2.22
N LEU A 138 11.43 -0.19 -2.63
CA LEU A 138 10.72 0.81 -1.83
C LEU A 138 10.19 0.20 -0.54
N LYS A 139 10.14 1.04 0.50
CA LYS A 139 9.39 0.67 1.69
C LYS A 139 7.92 0.51 1.35
N GLU A 140 7.24 -0.30 2.15
CA GLU A 140 5.85 -0.65 1.84
C GLU A 140 4.95 0.58 1.82
N ASN A 141 4.06 0.58 0.83
CA ASN A 141 3.05 1.63 0.69
C ASN A 141 3.60 3.02 0.33
N VAL A 142 4.88 3.11 -0.05
CA VAL A 142 5.40 4.35 -0.67
C VAL A 142 4.94 4.36 -2.12
N GLN A 143 4.23 5.41 -2.52
CA GLN A 143 3.64 5.51 -3.87
C GLN A 143 3.97 6.86 -4.51
N PHE A 144 4.09 6.84 -5.84
CA PHE A 144 4.26 8.07 -6.61
C PHE A 144 3.10 8.27 -7.53
N HIS A 145 2.71 9.54 -7.67
CA HIS A 145 1.54 9.94 -8.44
C HIS A 145 1.93 11.05 -9.40
N LEU A 146 1.57 10.88 -10.68
CA LEU A 146 1.92 11.83 -11.74
C LEU A 146 0.74 12.73 -11.96
N TYR A 147 0.99 14.04 -11.98
CA TYR A 147 0.00 15.03 -12.29
C TYR A 147 0.39 15.73 -13.63
N ILE A 148 -0.58 15.93 -14.51
CA ILE A 148 -0.36 16.76 -15.73
C ILE A 148 -1.59 17.63 -15.90
N SER A 149 -1.41 18.91 -16.20
CA SER A 149 -2.57 19.82 -16.23
C SER A 149 -3.48 19.60 -17.44
N THR A 150 -3.01 18.76 -18.37
CA THR A 150 -3.81 18.36 -19.52
C THR A 150 -3.41 16.97 -20.02
N SER A 151 -4.17 16.41 -20.94
CA SER A 151 -3.88 15.04 -21.44
C SER A 151 -2.52 15.01 -22.17
N PRO A 152 -1.72 13.95 -21.95
CA PRO A 152 -0.37 13.91 -22.53
C PRO A 152 -0.46 13.78 -24.05
N CYS A 153 0.47 14.44 -24.73
CA CYS A 153 0.44 14.43 -26.20
C CYS A 153 0.52 13.03 -26.80
N GLY A 154 0.09 12.86 -28.06
CA GLY A 154 0.02 11.52 -28.68
C GLY A 154 -1.36 10.89 -28.47
N ASP A 155 -1.39 9.56 -28.30
CA ASP A 155 -2.64 8.78 -28.34
C ASP A 155 -3.74 9.29 -27.38
N ALA A 156 -3.36 9.74 -26.19
CA ALA A 156 -4.35 10.20 -25.20
C ALA A 156 -5.02 11.49 -25.64
N ARG A 157 -4.30 12.34 -26.35
CA ARG A 157 -4.78 13.68 -26.69
C ARG A 157 -5.49 13.73 -28.04
N ILE A 158 -4.97 12.97 -28.99
CA ILE A 158 -5.37 13.08 -30.41
C ILE A 158 -6.84 12.68 -30.63
N PHE A 159 -7.38 11.83 -29.75
CA PHE A 159 -8.75 11.36 -29.85
C PHE A 159 -9.72 12.16 -28.98
N LYS A 177 -5.01 9.11 -37.99
CA LYS A 177 -4.87 8.55 -36.65
C LYS A 177 -5.45 7.13 -36.54
N ALA A 178 -4.92 6.38 -35.58
CA ALA A 178 -5.33 5.01 -35.38
C ALA A 178 -5.26 4.80 -33.86
N ARG A 179 -6.26 4.16 -33.27
CA ARG A 179 -6.34 4.10 -31.81
C ARG A 179 -5.18 3.28 -31.24
N GLY A 180 -4.39 3.89 -30.35
CA GLY A 180 -3.25 3.23 -29.75
C GLY A 180 -1.93 3.39 -30.51
N GLN A 181 -1.98 3.95 -31.71
CA GLN A 181 -0.77 4.01 -32.54
C GLN A 181 0.30 4.91 -31.91
N LEU A 182 1.58 4.49 -32.02
CA LEU A 182 2.69 5.35 -31.64
C LEU A 182 2.71 6.65 -32.44
N ARG A 183 3.10 7.74 -31.78
CA ARG A 183 3.18 9.05 -32.42
C ARG A 183 4.42 9.78 -31.93
N THR A 184 4.91 10.72 -32.74
CA THR A 184 6.12 11.49 -32.40
C THR A 184 5.87 12.98 -32.37
N LYS A 185 6.53 13.66 -31.43
CA LYS A 185 6.79 15.09 -31.57
C LYS A 185 7.73 15.17 -32.78
N ILE A 186 7.66 16.29 -33.49
CA ILE A 186 8.62 16.56 -34.58
C ILE A 186 9.15 17.98 -34.36
N GLU A 187 10.46 18.18 -34.53
CA GLU A 187 11.05 19.48 -34.16
C GLU A 187 10.36 20.64 -34.90
N SER A 188 10.14 21.73 -34.16
CA SER A 188 9.47 22.94 -34.68
C SER A 188 8.03 22.70 -35.13
N GLY A 189 7.49 21.51 -34.86
CA GLY A 189 6.13 21.15 -35.26
C GLY A 189 5.21 21.23 -34.05
N GLU A 190 3.95 21.57 -34.30
CA GLU A 190 2.92 21.55 -33.28
C GLU A 190 2.32 20.15 -33.22
N GLY A 191 1.94 19.71 -32.04
CA GLY A 191 1.26 18.43 -31.92
C GLY A 191 2.17 17.25 -32.14
N THR A 192 1.59 16.15 -32.61
CA THR A 192 2.35 14.95 -32.91
C THR A 192 1.89 14.39 -34.25
N ILE A 193 2.72 13.53 -34.82
CA ILE A 193 2.40 12.85 -36.08
C ILE A 193 2.56 11.33 -35.90
N PRO A 194 1.79 10.52 -36.62
CA PRO A 194 1.93 9.07 -36.49
C PRO A 194 3.33 8.59 -36.84
N VAL A 195 3.77 7.51 -36.20
CA VAL A 195 4.96 6.80 -36.69
C VAL A 195 4.64 6.27 -38.10
N ARG A 196 5.65 6.23 -38.97
CA ARG A 196 5.50 5.68 -40.34
C ARG A 196 5.26 4.16 -40.38
N SER A 197 4.77 3.65 -41.50
CA SER A 197 4.47 2.23 -41.63
C SER A 197 5.77 1.42 -41.61
N ASN A 198 6.80 1.94 -42.26
CA ASN A 198 8.13 1.34 -42.15
C ASN A 198 8.93 2.04 -41.06
N ALA A 199 9.50 1.24 -40.15
CA ALA A 199 10.22 1.74 -38.96
C ALA A 199 11.24 2.84 -39.28
N SER A 200 11.13 3.96 -38.61
CA SER A 200 12.06 5.06 -38.88
C SER A 200 13.32 4.92 -38.04
N ILE A 201 14.46 5.04 -38.72
CA ILE A 201 15.78 5.00 -38.08
C ILE A 201 16.40 6.38 -38.17
N GLN A 202 16.68 6.99 -37.03
CA GLN A 202 17.26 8.35 -37.04
C GLN A 202 18.76 8.25 -37.06
N THR A 203 19.42 9.21 -37.71
CA THR A 203 20.87 9.22 -37.75
C THR A 203 21.39 10.59 -37.34
N TRP A 204 22.56 10.61 -36.69
CA TRP A 204 23.16 11.85 -36.25
C TRP A 204 23.42 12.80 -37.42
N ASP A 205 24.11 12.30 -38.44
CA ASP A 205 24.41 13.09 -39.61
C ASP A 205 23.17 13.50 -40.45
N GLY A 206 22.17 12.63 -40.53
CA GLY A 206 20.92 12.97 -41.23
C GLY A 206 20.20 14.12 -40.52
N VAL A 207 20.09 14.01 -39.20
CA VAL A 207 19.46 15.11 -38.43
C VAL A 207 20.24 16.44 -38.55
N LEU A 208 21.57 16.37 -38.41
CA LEU A 208 22.38 17.58 -38.54
C LEU A 208 22.16 18.27 -39.87
N GLN A 209 21.97 17.47 -40.93
CA GLN A 209 21.77 18.02 -42.30
C GLN A 209 20.34 18.52 -42.57
N GLY A 210 19.45 18.28 -41.62
CA GLY A 210 18.12 18.82 -41.77
C GLY A 210 16.95 17.88 -41.61
N GLU A 211 17.17 16.56 -41.55
CA GLU A 211 16.09 15.63 -41.19
C GLU A 211 15.54 16.07 -39.84
N ARG A 212 14.22 16.23 -39.75
CA ARG A 212 13.64 16.78 -38.52
C ARG A 212 13.69 15.70 -37.44
N LEU A 213 14.19 16.08 -36.27
CA LEU A 213 14.29 15.14 -35.15
C LEU A 213 12.92 14.74 -34.60
N LEU A 214 12.75 13.44 -34.41
CA LEU A 214 11.52 12.85 -33.89
C LEU A 214 11.74 12.42 -32.44
N THR A 215 10.75 12.67 -31.58
CA THR A 215 10.78 12.28 -30.16
C THR A 215 9.48 11.58 -29.85
N MET A 216 9.51 10.47 -29.12
CA MET A 216 8.24 9.75 -28.87
C MET A 216 7.29 10.64 -28.06
N SER A 217 6.00 10.56 -28.39
CA SER A 217 4.98 11.36 -27.67
C SER A 217 4.98 11.00 -26.17
N CYS A 218 4.43 11.92 -25.37
CA CYS A 218 4.30 11.69 -23.93
C CYS A 218 3.37 10.51 -23.62
N SER A 219 2.30 10.34 -24.40
CA SER A 219 1.42 9.14 -24.21
C SER A 219 2.27 7.85 -24.32
N ASP A 220 3.19 7.85 -25.28
CA ASP A 220 3.99 6.65 -25.55
C ASP A 220 5.06 6.48 -24.48
N LYS A 221 5.66 7.58 -24.03
CA LYS A 221 6.65 7.49 -22.95
C LYS A 221 5.99 7.00 -21.64
N ILE A 222 4.78 7.47 -21.34
CA ILE A 222 4.17 7.03 -20.07
C ILE A 222 3.78 5.53 -20.16
N ALA A 223 3.31 5.11 -21.33
CA ALA A 223 3.03 3.66 -21.51
C ALA A 223 4.35 2.87 -21.29
N ARG A 224 5.44 3.39 -21.87
CA ARG A 224 6.74 2.81 -21.61
C ARG A 224 7.04 2.70 -20.12
N TRP A 225 6.83 3.79 -19.39
CA TRP A 225 7.09 3.75 -17.92
C TRP A 225 6.17 2.77 -17.20
N ASN A 226 5.00 2.48 -17.79
CA ASN A 226 4.11 1.50 -17.22
C ASN A 226 4.53 0.06 -17.50
N VAL A 227 5.69 -0.11 -18.15
CA VAL A 227 6.27 -1.46 -18.32
C VAL A 227 7.67 -1.51 -17.70
N VAL A 228 8.55 -0.62 -18.14
CA VAL A 228 9.95 -0.66 -17.71
C VAL A 228 10.17 0.06 -16.38
N GLY A 229 9.09 0.70 -15.89
CA GLY A 229 9.19 1.51 -14.66
C GLY A 229 9.59 2.95 -14.98
N ILE A 230 9.47 3.81 -13.97
CA ILE A 230 9.81 5.23 -14.12
C ILE A 230 11.28 5.51 -13.84
N GLN A 231 12.02 4.52 -13.30
CA GLN A 231 13.34 4.79 -12.77
C GLN A 231 14.47 4.80 -13.83
N GLY A 232 14.16 4.33 -15.04
CA GLY A 232 15.19 4.22 -16.07
C GLY A 232 16.14 3.03 -15.90
N SER A 233 17.03 2.87 -16.89
CA SER A 233 17.97 1.76 -16.90
C SER A 233 19.02 1.88 -15.79
N LEU A 234 19.68 3.04 -15.68
CA LEU A 234 20.82 3.16 -14.75
C LEU A 234 20.36 2.87 -13.31
N LEU A 235 19.26 3.49 -12.89
CA LEU A 235 18.77 3.27 -11.52
C LEU A 235 18.37 1.83 -11.24
N SER A 236 17.95 1.11 -12.30
CA SER A 236 17.56 -0.31 -12.13
C SER A 236 18.75 -1.20 -11.78
N ILE A 237 19.98 -0.70 -11.99
CA ILE A 237 21.17 -1.45 -11.49
C ILE A 237 21.20 -1.47 -9.96
N PHE A 238 20.59 -0.45 -9.34
CA PHE A 238 20.51 -0.34 -7.87
C PHE A 238 19.18 -0.81 -7.25
N VAL A 239 18.06 -0.49 -7.90
CA VAL A 239 16.72 -0.66 -7.30
C VAL A 239 15.79 -1.47 -8.20
N GLU A 240 14.74 -2.02 -7.59
CA GLU A 240 13.74 -2.79 -8.34
C GLU A 240 12.84 -1.77 -9.07
N PRO A 241 12.18 -2.21 -10.14
CA PRO A 241 11.31 -1.31 -10.91
C PRO A 241 10.28 -0.61 -10.04
N ILE A 242 10.14 0.69 -10.29
CA ILE A 242 9.19 1.58 -9.61
C ILE A 242 8.15 2.09 -10.63
N TYR A 243 6.88 2.11 -10.26
CA TYR A 243 5.81 2.53 -11.17
C TYR A 243 5.00 3.65 -10.56
N PHE A 244 4.37 4.49 -11.39
CA PHE A 244 3.36 5.41 -10.87
C PHE A 244 2.11 4.65 -10.43
N SER A 245 1.57 5.00 -9.27
CA SER A 245 0.31 4.46 -8.80
C SER A 245 -0.91 5.16 -9.38
N SER A 246 -0.71 6.40 -9.84
CA SER A 246 -1.81 7.19 -10.34
C SER A 246 -1.32 8.10 -11.45
N ILE A 247 -2.22 8.39 -12.39
CA ILE A 247 -1.98 9.44 -13.39
C ILE A 247 -3.23 10.33 -13.34
N ILE A 248 -2.99 11.58 -12.95
CA ILE A 248 -4.04 12.55 -12.67
C ILE A 248 -3.99 13.65 -13.73
N LEU A 249 -5.10 13.89 -14.45
CA LEU A 249 -5.11 14.98 -15.47
C LEU A 249 -5.94 16.17 -15.01
N GLY A 250 -5.42 17.38 -15.22
CA GLY A 250 -6.15 18.60 -14.80
C GLY A 250 -7.13 19.12 -15.82
N SER A 251 -7.13 18.49 -17.01
CA SER A 251 -8.07 18.83 -18.09
C SER A 251 -8.03 17.74 -19.15
N LEU A 252 -9.06 17.75 -20.01
CA LEU A 252 -9.18 16.80 -21.12
C LEU A 252 -9.07 15.32 -20.70
N TYR A 253 -9.56 15.02 -19.50
CA TYR A 253 -9.63 13.63 -19.05
C TYR A 253 -10.75 12.86 -19.78
N HIS A 254 -10.38 11.73 -20.40
CA HIS A 254 -11.35 10.81 -21.02
C HIS A 254 -10.85 9.43 -20.65
N GLY A 255 -11.59 8.75 -19.78
CA GLY A 255 -11.14 7.50 -19.19
C GLY A 255 -10.78 6.42 -20.20
N ASP A 256 -11.59 6.27 -21.24
CA ASP A 256 -11.41 5.17 -22.20
C ASP A 256 -10.22 5.43 -23.09
N HIS A 257 -10.08 6.68 -23.57
CA HIS A 257 -8.92 6.98 -24.39
C HIS A 257 -7.66 6.90 -23.55
N LEU A 258 -7.73 7.41 -22.32
CA LEU A 258 -6.54 7.45 -21.49
C LEU A 258 -6.12 6.02 -21.10
N SER A 259 -7.08 5.15 -20.75
CA SER A 259 -6.72 3.78 -20.38
C SER A 259 -6.07 3.03 -21.55
N ARG A 260 -6.57 3.24 -22.77
CA ARG A 260 -5.93 2.64 -23.94
C ARG A 260 -4.49 3.15 -24.07
N ALA A 261 -4.36 4.46 -24.04
CA ALA A 261 -3.05 5.12 -24.22
C ALA A 261 -2.04 4.72 -23.16
N MET A 262 -2.46 4.64 -21.91
CA MET A 262 -1.52 4.45 -20.81
C MET A 262 -1.09 3.00 -20.64
N TYR A 263 -1.95 2.04 -21.03
CA TYR A 263 -1.57 0.65 -20.86
C TYR A 263 -2.31 -0.38 -21.72
N GLN A 264 -3.59 -0.19 -21.93
CA GLN A 264 -4.38 -1.31 -22.45
C GLN A 264 -3.97 -1.70 -23.88
N ARG A 265 -3.48 -0.72 -24.65
CA ARG A 265 -3.06 -0.98 -26.03
C ARG A 265 -1.93 -2.01 -26.13
N ILE A 266 -1.19 -2.19 -25.02
CA ILE A 266 -0.10 -3.17 -25.02
C ILE A 266 -0.33 -4.34 -24.04
N SER A 267 -1.61 -4.65 -23.81
CA SER A 267 -1.96 -5.83 -22.98
C SER A 267 -1.42 -7.14 -23.60
N ASN A 268 -1.00 -7.08 -24.86
CA ASN A 268 -0.38 -8.23 -25.57
C ASN A 268 1.09 -8.48 -25.19
N ILE A 269 1.65 -7.65 -24.32
CA ILE A 269 3.06 -7.81 -23.94
C ILE A 269 3.31 -9.16 -23.27
N GLU A 270 4.46 -9.78 -23.53
CA GLU A 270 4.74 -11.06 -22.90
C GLU A 270 6.19 -11.23 -22.52
N ASP A 271 6.44 -12.26 -21.71
CA ASP A 271 7.78 -12.69 -21.32
C ASP A 271 8.58 -11.60 -20.66
N LEU A 272 7.93 -10.88 -19.74
CA LEU A 272 8.64 -9.83 -19.03
C LEU A 272 9.69 -10.46 -18.09
N PRO A 273 10.81 -9.79 -17.87
CA PRO A 273 11.79 -10.28 -16.89
C PRO A 273 11.23 -10.18 -15.47
N PRO A 274 11.95 -10.74 -14.48
CA PRO A 274 11.45 -10.73 -13.10
C PRO A 274 11.19 -9.30 -12.61
N LEU A 275 10.09 -9.14 -11.89
CA LEU A 275 9.70 -7.88 -11.22
C LEU A 275 9.06 -6.83 -12.13
N TYR A 276 9.11 -7.04 -13.44
CA TYR A 276 8.44 -6.10 -14.36
C TYR A 276 6.98 -6.52 -14.52
N THR A 277 6.13 -5.57 -14.85
CA THR A 277 4.70 -5.84 -14.98
C THR A 277 4.14 -4.82 -15.98
N LEU A 278 2.94 -5.07 -16.50
CA LEU A 278 2.20 -4.02 -17.19
C LEU A 278 1.37 -3.29 -16.12
N ASN A 279 1.91 -2.14 -15.72
CA ASN A 279 1.33 -1.37 -14.63
C ASN A 279 0.08 -0.63 -15.12
N LYS A 280 -0.99 -0.71 -14.34
CA LYS A 280 -2.25 -0.08 -14.69
C LYS A 280 -2.67 0.83 -13.53
N PRO A 281 -2.14 2.06 -13.53
CA PRO A 281 -2.37 2.96 -12.39
C PRO A 281 -3.80 3.48 -12.37
N LEU A 282 -4.20 4.01 -11.22
CA LEU A 282 -5.43 4.79 -11.14
C LEU A 282 -5.39 5.90 -12.20
N LEU A 283 -6.48 6.12 -12.92
CA LEU A 283 -6.55 7.28 -13.84
C LEU A 283 -7.70 8.18 -13.38
N SER A 284 -7.45 9.48 -13.30
CA SER A 284 -8.50 10.37 -12.82
C SER A 284 -8.36 11.77 -13.36
N GLY A 285 -9.49 12.45 -13.52
CA GLY A 285 -9.49 13.92 -13.69
C GLY A 285 -9.63 14.57 -12.31
N ILE A 286 -9.77 15.89 -12.31
CA ILE A 286 -9.89 16.64 -11.06
C ILE A 286 -11.27 17.29 -10.98
N SER A 287 -11.67 17.73 -9.80
CA SER A 287 -13.02 18.22 -9.61
C SER A 287 -13.26 19.53 -10.33
N ASN A 288 -12.25 20.39 -10.37
CA ASN A 288 -12.33 21.69 -11.04
C ASN A 288 -11.33 21.75 -12.19
N ALA A 289 -11.73 21.18 -13.33
CA ALA A 289 -10.82 21.06 -14.49
C ALA A 289 -10.42 22.41 -15.08
N GLU A 290 -9.17 22.48 -15.54
CA GLU A 290 -8.70 23.68 -16.24
C GLU A 290 -9.28 23.81 -17.66
N ALA A 291 -9.13 25.01 -18.20
CA ALA A 291 -9.58 25.32 -19.56
C ALA A 291 -8.39 25.44 -20.52
N ARG A 292 -8.65 25.34 -21.82
CA ARG A 292 -7.65 25.66 -22.84
C ARG A 292 -7.42 27.16 -22.82
N GLN A 293 -6.15 27.58 -22.80
CA GLN A 293 -5.83 29.02 -22.75
C GLN A 293 -5.17 29.53 -24.02
N PRO A 294 -5.53 30.75 -24.44
CA PRO A 294 -4.89 31.38 -25.60
C PRO A 294 -3.50 31.89 -25.22
N GLY A 295 -2.68 32.14 -26.22
CA GLY A 295 -1.33 32.65 -25.99
C GLY A 295 -0.32 31.70 -26.59
N LYS A 296 0.75 32.28 -27.10
CA LYS A 296 1.87 31.51 -27.62
C LYS A 296 2.47 30.73 -26.43
N ALA A 297 2.74 29.45 -26.65
CA ALA A 297 3.39 28.63 -25.64
C ALA A 297 4.82 29.10 -25.33
N PRO A 298 5.20 29.17 -24.04
CA PRO A 298 6.57 29.51 -23.66
C PRO A 298 7.60 28.59 -24.32
N ASN A 299 8.75 29.15 -24.69
CA ASN A 299 9.86 28.35 -25.24
C ASN A 299 10.71 27.76 -24.13
N PHE A 300 10.36 28.03 -22.88
CA PHE A 300 11.17 27.51 -21.76
C PHE A 300 10.42 26.45 -20.96
N SER A 301 11.19 25.79 -20.08
CA SER A 301 10.67 24.71 -19.24
C SER A 301 11.27 24.90 -17.85
N VAL A 302 10.42 24.89 -16.83
CA VAL A 302 10.83 25.02 -15.43
C VAL A 302 10.98 23.61 -14.84
N ASN A 303 11.95 23.38 -13.97
CA ASN A 303 12.01 22.15 -13.19
C ASN A 303 12.44 22.40 -11.73
N TRP A 304 12.00 21.52 -10.85
CA TRP A 304 12.38 21.58 -9.43
C TRP A 304 12.20 20.20 -8.81
N THR A 305 13.13 19.83 -7.96
CA THR A 305 13.02 18.61 -7.18
C THR A 305 13.06 19.01 -5.71
N VAL A 306 12.24 18.36 -4.90
CA VAL A 306 12.28 18.57 -3.45
C VAL A 306 13.72 18.57 -2.91
N GLY A 307 14.02 19.53 -2.05
CA GLY A 307 15.41 19.75 -1.65
C GLY A 307 16.14 20.87 -2.37
N ASP A 308 15.72 21.16 -3.60
CA ASP A 308 16.28 22.30 -4.35
C ASP A 308 15.85 23.66 -3.80
N SER A 309 16.78 24.61 -3.75
CA SER A 309 16.44 26.00 -3.37
C SER A 309 15.46 26.70 -4.28
N ALA A 310 15.59 26.43 -5.58
CA ALA A 310 14.88 27.20 -6.58
C ALA A 310 14.64 26.38 -7.86
N ILE A 311 13.78 26.91 -8.72
CA ILE A 311 13.59 26.34 -10.04
C ILE A 311 14.84 26.52 -10.89
N GLU A 312 14.95 25.67 -11.89
CA GLU A 312 15.93 25.81 -12.96
C GLU A 312 15.12 26.05 -14.22
N VAL A 313 15.56 26.99 -15.07
CA VAL A 313 14.81 27.34 -16.27
C VAL A 313 15.65 26.98 -17.50
N ILE A 314 15.07 26.12 -18.34
CA ILE A 314 15.75 25.61 -19.53
C ILE A 314 15.06 26.09 -20.80
N ASN A 315 15.89 26.53 -21.76
CA ASN A 315 15.44 26.83 -23.11
C ASN A 315 15.19 25.51 -23.86
N ALA A 316 13.95 25.25 -24.24
CA ALA A 316 13.57 23.98 -24.89
C ALA A 316 14.28 23.74 -26.23
N THR A 317 14.57 24.83 -26.95
CA THR A 317 15.19 24.74 -28.27
C THR A 317 16.64 24.27 -28.21
N THR A 318 17.38 24.76 -27.22
CA THR A 318 18.78 24.38 -27.03
C THR A 318 18.95 23.22 -26.06
N GLY A 319 17.97 23.01 -25.17
CA GLY A 319 18.09 22.00 -24.10
C GLY A 319 19.02 22.44 -22.97
N LYS A 320 19.42 23.72 -22.98
CA LYS A 320 20.30 24.24 -21.92
C LYS A 320 19.70 25.49 -21.31
N ASP A 321 20.30 25.95 -20.20
CA ASP A 321 19.77 27.20 -19.61
C ASP A 321 20.10 28.43 -20.49
N GLU A 322 19.59 29.61 -20.08
CA GLU A 322 19.73 30.82 -20.90
C GLU A 322 21.20 31.28 -21.07
N LEU A 323 22.08 30.78 -20.19
CA LEU A 323 23.52 31.06 -20.32
C LEU A 323 24.32 29.94 -21.01
N GLY A 324 23.61 28.94 -21.57
CA GLY A 324 24.27 27.79 -22.18
C GLY A 324 24.83 26.78 -21.20
N ARG A 325 24.41 26.85 -19.94
CA ARG A 325 24.84 25.88 -18.94
C ARG A 325 23.94 24.65 -18.98
N ALA A 326 24.55 23.51 -18.69
CA ALA A 326 23.85 22.24 -18.70
C ALA A 326 22.88 22.15 -17.52
N SER A 327 21.74 21.53 -17.77
CA SER A 327 20.73 21.27 -16.75
C SER A 327 21.18 20.24 -15.73
N ARG A 328 20.71 20.40 -14.48
CA ARG A 328 20.79 19.33 -13.49
C ARG A 328 20.07 18.03 -13.86
N LEU A 329 19.19 18.10 -14.88
CA LEU A 329 18.48 16.96 -15.42
C LEU A 329 19.13 16.30 -16.64
N CYS A 330 20.23 16.87 -17.17
CA CYS A 330 20.81 16.29 -18.39
C CYS A 330 21.45 14.92 -18.12
N LYS A 331 21.59 14.12 -19.19
CA LYS A 331 22.24 12.79 -19.12
C LYS A 331 23.53 12.86 -18.32
N HIS A 332 24.37 13.84 -18.62
CA HIS A 332 25.67 13.92 -17.96
C HIS A 332 25.49 14.07 -16.44
N ALA A 333 24.59 14.96 -16.05
CA ALA A 333 24.34 15.23 -14.64
C ALA A 333 23.76 14.01 -13.95
N LEU A 334 22.83 13.33 -14.62
CA LEU A 334 22.26 12.12 -14.00
C LEU A 334 23.32 11.04 -13.84
N TYR A 335 24.16 10.89 -14.86
CA TYR A 335 25.27 9.94 -14.81
C TYR A 335 26.26 10.24 -13.68
N CYS A 336 26.52 11.53 -13.46
CA CYS A 336 27.33 11.96 -12.34
C CYS A 336 26.76 11.47 -10.99
N ARG A 337 25.44 11.66 -10.84
CA ARG A 337 24.73 11.17 -9.65
C ARG A 337 24.86 9.66 -9.51
N TRP A 338 24.66 8.96 -10.62
CA TRP A 338 24.70 7.51 -10.64
C TRP A 338 26.09 7.02 -10.23
N MET A 339 27.11 7.68 -10.76
CA MET A 339 28.51 7.26 -10.50
C MET A 339 28.82 7.42 -9.01
N ARG A 340 28.28 8.46 -8.42
CA ARG A 340 28.49 8.72 -7.01
C ARG A 340 27.89 7.59 -6.17
N VAL A 341 26.68 7.14 -6.53
CA VAL A 341 26.08 6.00 -5.84
C VAL A 341 26.85 4.72 -6.10
N HIS A 342 27.29 4.54 -7.34
CA HIS A 342 28.01 3.33 -7.71
C HIS A 342 29.25 3.10 -6.83
N GLY A 343 29.95 4.17 -6.50
CA GLY A 343 31.13 4.09 -5.64
C GLY A 343 30.81 3.77 -4.20
N LYS A 344 29.53 3.80 -3.81
CA LYS A 344 29.09 3.62 -2.42
C LYS A 344 28.42 2.26 -2.19
N VAL A 345 28.01 1.62 -3.28
CA VAL A 345 27.34 0.32 -3.19
C VAL A 345 28.34 -0.83 -3.30
N PRO A 346 28.45 -1.64 -2.24
CA PRO A 346 29.28 -2.84 -2.33
C PRO A 346 28.86 -3.66 -3.55
N SER A 347 29.84 -4.16 -4.31
CA SER A 347 29.59 -4.90 -5.55
C SER A 347 28.55 -6.00 -5.42
N HIS A 348 28.60 -6.72 -4.30
CA HIS A 348 27.73 -7.85 -4.11
C HIS A 348 26.26 -7.44 -3.90
N LEU A 349 26.03 -6.14 -3.68
CA LEU A 349 24.67 -5.60 -3.47
C LEU A 349 24.05 -4.98 -4.73
N LEU A 350 24.82 -4.91 -5.82
CA LEU A 350 24.22 -4.41 -7.08
C LEU A 350 23.27 -5.44 -7.65
N ARG A 351 22.22 -4.96 -8.33
CA ARG A 351 21.24 -5.82 -9.01
C ARG A 351 21.77 -6.36 -10.34
N SER A 352 22.70 -5.61 -10.96
CA SER A 352 23.43 -6.02 -12.16
C SER A 352 24.93 -5.76 -11.97
N LYS A 353 25.75 -6.71 -12.41
CA LYS A 353 27.20 -6.53 -12.37
C LYS A 353 27.66 -5.39 -13.30
N ILE A 354 28.48 -4.48 -12.77
CA ILE A 354 29.15 -3.45 -13.57
C ILE A 354 30.40 -2.98 -12.84
N THR A 355 31.52 -3.56 -13.22
CA THR A 355 32.77 -3.44 -12.45
C THR A 355 33.43 -2.07 -12.59
N LYS A 356 33.60 -1.62 -13.83
CA LYS A 356 34.29 -0.36 -14.10
C LYS A 356 33.46 0.44 -15.10
N PRO A 357 32.39 1.08 -14.60
CA PRO A 357 31.53 1.89 -15.49
C PRO A 357 32.36 2.96 -16.21
N ASN A 358 32.15 3.11 -17.52
CA ASN A 358 32.85 4.07 -18.34
C ASN A 358 31.88 4.84 -19.23
N VAL A 359 31.65 4.32 -20.43
CA VAL A 359 30.79 4.98 -21.42
C VAL A 359 29.33 4.85 -20.98
N TYR A 360 28.61 5.97 -20.99
CA TYR A 360 27.19 6.03 -20.57
C TYR A 360 26.34 4.93 -21.22
N HIS A 361 26.40 4.86 -22.54
CA HIS A 361 25.70 3.81 -23.30
C HIS A 361 25.94 2.40 -22.76
N GLU A 362 27.20 2.07 -22.53
CA GLU A 362 27.56 0.73 -22.06
C GLU A 362 27.04 0.48 -20.63
N SER A 363 27.04 1.53 -19.80
CA SER A 363 26.51 1.39 -18.45
C SER A 363 25.01 1.09 -18.47
N LYS A 364 24.28 1.75 -19.36
CA LYS A 364 22.86 1.45 -19.52
C LYS A 364 22.65 -0.02 -19.96
N LEU A 365 23.49 -0.53 -20.87
CA LEU A 365 23.36 -1.89 -21.34
C LEU A 365 23.63 -2.94 -20.25
N ALA A 366 24.40 -2.56 -19.23
CA ALA A 366 24.62 -3.45 -18.08
C ALA A 366 23.37 -3.76 -17.30
N ALA A 367 22.36 -2.87 -17.39
CA ALA A 367 21.04 -3.14 -16.80
C ALA A 367 20.29 -4.17 -17.67
N LYS A 368 20.74 -5.43 -17.60
CA LYS A 368 20.31 -6.44 -18.56
C LYS A 368 18.82 -6.72 -18.51
N GLU A 369 18.26 -6.88 -17.31
CA GLU A 369 16.82 -7.15 -17.21
C GLU A 369 15.96 -5.97 -17.70
N TYR A 370 16.38 -4.74 -17.43
CA TYR A 370 15.66 -3.58 -17.95
C TYR A 370 15.69 -3.56 -19.49
N GLN A 371 16.86 -3.83 -20.07
CA GLN A 371 16.97 -3.88 -21.54
C GLN A 371 16.02 -4.94 -22.15
N ALA A 372 15.93 -6.08 -21.47
CA ALA A 372 15.06 -7.16 -21.90
C ALA A 372 13.59 -6.66 -21.81
N ALA A 373 13.26 -5.96 -20.72
CA ALA A 373 11.90 -5.43 -20.57
C ALA A 373 11.59 -4.43 -21.71
N LYS A 374 12.55 -3.57 -22.00
CA LYS A 374 12.39 -2.60 -23.07
C LYS A 374 12.15 -3.31 -24.41
N ALA A 375 12.85 -4.42 -24.63
CA ALA A 375 12.69 -5.19 -25.88
C ALA A 375 11.31 -5.82 -25.97
N ARG A 376 10.78 -6.33 -24.84
CA ARG A 376 9.42 -6.86 -24.79
C ARG A 376 8.40 -5.76 -25.08
N LEU A 377 8.67 -4.55 -24.59
CA LEU A 377 7.79 -3.40 -24.86
C LEU A 377 7.74 -3.08 -26.36
N PHE A 378 8.92 -3.05 -26.98
CA PHE A 378 9.04 -2.66 -28.38
C PHE A 378 8.30 -3.69 -29.24
N THR A 379 8.48 -4.95 -28.89
CA THR A 379 7.82 -6.06 -29.58
C THR A 379 6.31 -5.94 -29.42
N ALA A 380 5.84 -5.58 -28.21
CA ALA A 380 4.41 -5.42 -27.95
C ALA A 380 3.81 -4.38 -28.89
N PHE A 381 4.47 -3.22 -29.00
CA PHE A 381 3.95 -2.17 -29.89
C PHE A 381 3.85 -2.70 -31.33
N ILE A 382 4.91 -3.34 -31.79
CA ILE A 382 4.99 -3.76 -33.20
C ILE A 382 3.89 -4.81 -33.44
N LYS A 383 3.81 -5.78 -32.54
CA LYS A 383 2.87 -6.89 -32.73
C LYS A 383 1.39 -6.49 -32.63
N ALA A 384 1.12 -5.44 -31.83
CA ALA A 384 -0.21 -4.87 -31.69
C ALA A 384 -0.60 -4.03 -32.90
N GLY A 385 0.34 -3.80 -33.83
CA GLY A 385 0.09 -2.99 -35.02
C GLY A 385 0.27 -1.48 -34.83
N LEU A 386 0.92 -1.11 -33.71
CA LEU A 386 1.00 0.31 -33.29
C LEU A 386 2.27 1.00 -33.77
N GLY A 387 3.08 0.29 -34.55
CA GLY A 387 4.34 0.85 -35.04
C GLY A 387 5.53 0.49 -34.19
N ALA A 388 6.69 1.01 -34.62
CA ALA A 388 7.95 0.76 -33.98
C ALA A 388 8.44 1.99 -33.25
N TRP A 389 8.92 1.77 -32.03
CA TRP A 389 9.53 2.84 -31.22
C TRP A 389 10.64 3.53 -32.00
N VAL A 390 10.68 4.87 -31.98
CA VAL A 390 11.72 5.63 -32.69
C VAL A 390 12.77 6.10 -31.69
N GLU A 391 13.97 5.53 -31.80
CA GLU A 391 15.08 5.82 -30.91
C GLU A 391 15.92 7.01 -31.40
N LYS A 392 16.69 7.61 -30.48
CA LYS A 392 17.67 8.65 -30.84
C LYS A 392 18.87 8.02 -31.55
N PRO A 393 19.63 8.81 -32.30
CA PRO A 393 20.97 8.36 -32.74
C PRO A 393 21.83 7.91 -31.51
N THR A 394 22.56 6.80 -31.63
CA THR A 394 23.37 6.26 -30.50
C THR A 394 24.42 7.22 -29.95
N GLU A 395 24.91 8.11 -30.81
CA GLU A 395 25.92 9.05 -30.42
C GLU A 395 25.52 9.91 -29.20
N GLN A 396 24.22 10.07 -28.92
CA GLN A 396 23.81 10.85 -27.75
C GLN A 396 24.44 10.28 -26.48
N ASP A 397 24.63 8.96 -26.47
CA ASP A 397 24.98 8.26 -25.22
C ASP A 397 26.44 7.79 -25.19
N GLN A 398 27.20 8.11 -26.24
CA GLN A 398 28.58 7.67 -26.33
C GLN A 398 29.53 8.69 -25.69
N PHE A 399 29.39 8.89 -24.39
CA PHE A 399 30.31 9.76 -23.66
C PHE A 399 30.64 9.16 -22.31
N SER A 400 31.73 9.64 -21.71
CA SER A 400 32.15 9.23 -20.36
C SER A 400 32.27 10.46 -19.47
N LEU A 401 32.31 10.28 -18.16
CA LEU A 401 32.59 11.39 -17.25
C LEU A 401 34.10 11.68 -17.26
N THR A 402 34.47 12.94 -17.09
CA THR A 402 35.89 13.31 -17.03
C THR A 402 36.55 12.72 -15.79
N SER B 8 -33.79 -14.97 7.37
CA SER B 8 -32.77 -14.03 7.91
C SER B 8 -32.16 -14.53 9.22
N ARG B 9 -32.86 -15.43 9.91
CA ARG B 9 -32.40 -15.92 11.20
C ARG B 9 -31.66 -17.26 11.09
N GLN B 10 -31.64 -17.81 9.87
CA GLN B 10 -30.99 -19.08 9.58
C GLN B 10 -29.47 -18.92 9.56
N PRO B 11 -28.73 -19.92 10.06
CA PRO B 11 -27.26 -19.90 9.94
C PRO B 11 -26.84 -19.99 8.48
N ILE B 12 -25.66 -19.44 8.19
CA ILE B 12 -25.10 -19.51 6.85
C ILE B 12 -23.86 -20.36 7.04
N PRO B 13 -23.93 -21.63 6.67
CA PRO B 13 -22.77 -22.52 6.83
C PRO B 13 -21.54 -22.05 6.07
N SER B 14 -20.36 -22.46 6.56
CA SER B 14 -19.11 -22.17 5.87
C SER B 14 -18.99 -23.02 4.60
N LEU B 19 -15.96 -30.73 11.60
CA LEU B 19 -17.28 -30.26 11.18
C LEU B 19 -18.41 -30.63 12.13
N HIS B 20 -19.32 -29.68 12.31
CA HIS B 20 -20.34 -29.72 13.35
C HIS B 20 -21.69 -29.28 12.79
N LEU B 21 -22.77 -29.74 13.41
CA LEU B 21 -24.09 -29.16 13.12
C LEU B 21 -24.10 -27.71 13.58
N PRO B 22 -24.38 -26.78 12.65
CA PRO B 22 -24.28 -25.33 12.94
C PRO B 22 -24.99 -24.87 14.21
N GLN B 23 -26.29 -25.19 14.38
CA GLN B 23 -27.04 -24.63 15.52
C GLN B 23 -26.58 -25.22 16.86
N VAL B 24 -26.19 -26.49 16.81
CA VAL B 24 -25.66 -27.22 17.96
C VAL B 24 -24.33 -26.61 18.42
N LEU B 25 -23.45 -26.35 17.46
CA LEU B 25 -22.18 -25.69 17.75
C LEU B 25 -22.40 -24.27 18.28
N ALA B 26 -23.29 -23.52 17.61
CA ALA B 26 -23.60 -22.14 18.02
C ALA B 26 -24.11 -22.09 19.46
N ASP B 27 -25.05 -22.96 19.78
CA ASP B 27 -25.56 -23.02 21.16
C ASP B 27 -24.52 -23.46 22.19
N ALA B 28 -23.70 -24.43 21.84
CA ALA B 28 -22.65 -24.94 22.72
C ALA B 28 -21.59 -23.87 23.00
N VAL B 29 -21.14 -23.20 21.94
CA VAL B 29 -20.18 -22.13 22.10
C VAL B 29 -20.70 -21.02 23.05
N SER B 30 -21.94 -20.56 22.83
CA SER B 30 -22.50 -19.48 23.66
C SER B 30 -22.69 -19.92 25.12
N ARG B 31 -23.11 -21.18 25.30
CA ARG B 31 -23.29 -21.77 26.62
C ARG B 31 -21.95 -21.82 27.35
N LEU B 32 -20.92 -22.28 26.64
CA LEU B 32 -19.58 -22.44 27.25
C LEU B 32 -18.97 -21.10 27.67
N VAL B 33 -19.09 -20.08 26.82
CA VAL B 33 -18.54 -18.78 27.14
C VAL B 33 -19.26 -18.19 28.35
N LEU B 34 -20.58 -18.22 28.33
CA LEU B 34 -21.38 -17.76 29.48
C LEU B 34 -21.02 -18.53 30.79
N GLY B 35 -20.96 -19.85 30.72
CA GLY B 35 -20.55 -20.69 31.91
C GLY B 35 -19.22 -20.26 32.47
N LYS B 36 -18.24 -20.03 31.59
CA LYS B 36 -16.91 -19.65 32.04
C LYS B 36 -16.95 -18.26 32.70
N PHE B 37 -17.68 -17.34 32.08
CA PHE B 37 -17.88 -16.02 32.65
C PHE B 37 -18.47 -16.12 34.06
N GLY B 38 -19.48 -16.98 34.21
CA GLY B 38 -20.07 -17.23 35.54
C GLY B 38 -19.03 -17.71 36.51
N ASP B 39 -18.18 -18.66 36.07
CA ASP B 39 -17.11 -19.21 36.91
C ASP B 39 -16.08 -18.18 37.37
N LEU B 40 -15.86 -17.16 36.54
CA LEU B 40 -14.89 -16.09 36.80
C LEU B 40 -15.44 -14.93 37.62
N THR B 41 -16.74 -14.97 37.91
CA THR B 41 -17.40 -13.84 38.53
C THR B 41 -18.27 -14.29 39.70
N ASP B 42 -17.96 -15.45 40.26
CA ASP B 42 -18.69 -15.97 41.43
C ASP B 42 -20.19 -16.07 41.12
N ASN B 43 -20.50 -16.84 40.07
CA ASN B 43 -21.90 -17.00 39.63
C ASN B 43 -22.53 -15.67 39.27
N PHE B 44 -21.77 -14.83 38.56
CA PHE B 44 -22.25 -13.54 38.03
C PHE B 44 -22.63 -12.56 39.16
N SER B 45 -22.06 -12.75 40.35
CA SER B 45 -22.41 -11.90 41.51
C SER B 45 -21.32 -10.87 41.85
N SER B 46 -20.13 -11.04 41.27
CA SER B 46 -19.05 -10.06 41.39
C SER B 46 -19.46 -8.71 40.77
N PRO B 47 -18.92 -7.59 41.28
CA PRO B 47 -19.14 -6.27 40.66
C PRO B 47 -18.76 -6.31 39.17
N HIS B 48 -17.76 -7.12 38.84
CA HIS B 48 -17.23 -7.15 37.48
C HIS B 48 -18.04 -8.04 36.54
N ALA B 49 -19.05 -8.71 37.08
CA ALA B 49 -19.98 -9.43 36.22
C ALA B 49 -20.86 -8.48 35.39
N ARG B 50 -20.99 -7.22 35.82
CA ARG B 50 -21.88 -6.28 35.11
C ARG B 50 -21.33 -6.13 33.68
N ARG B 51 -22.18 -6.40 32.70
CA ARG B 51 -21.76 -6.31 31.29
C ARG B 51 -22.92 -5.96 30.37
N LYS B 52 -22.59 -5.33 29.26
CA LYS B 52 -23.51 -5.11 28.16
C LYS B 52 -23.19 -6.12 27.06
N VAL B 53 -21.91 -6.27 26.72
CA VAL B 53 -21.49 -7.27 25.72
C VAL B 53 -20.50 -8.26 26.35
N LEU B 54 -20.74 -9.54 26.09
CA LEU B 54 -19.88 -10.65 26.45
C LEU B 54 -19.39 -11.27 25.14
N ALA B 55 -18.11 -11.60 25.11
CA ALA B 55 -17.54 -12.34 23.95
C ALA B 55 -16.58 -13.42 24.43
N GLY B 56 -16.22 -14.31 23.53
CA GLY B 56 -15.23 -15.33 23.88
C GLY B 56 -14.80 -16.09 22.65
N VAL B 57 -13.74 -16.86 22.83
CA VAL B 57 -13.21 -17.72 21.79
C VAL B 57 -13.25 -19.14 22.33
N VAL B 58 -13.83 -20.04 21.54
CA VAL B 58 -13.86 -21.47 21.89
C VAL B 58 -13.05 -22.24 20.86
N MET B 59 -12.23 -23.18 21.34
CA MET B 59 -11.47 -24.05 20.43
C MET B 59 -12.06 -25.45 20.36
N THR B 60 -12.18 -26.00 19.16
CA THR B 60 -12.56 -27.42 19.00
C THR B 60 -11.42 -28.15 18.32
N THR B 61 -11.29 -29.44 18.65
CA THR B 61 -10.34 -30.31 17.96
C THR B 61 -11.17 -31.52 17.48
N GLY B 62 -10.67 -32.31 16.54
CA GLY B 62 -11.54 -33.37 15.96
C GLY B 62 -12.95 -32.93 15.58
N THR B 63 -13.92 -33.84 15.64
CA THR B 63 -15.31 -33.54 15.23
C THR B 63 -16.35 -33.57 16.34
N ASP B 64 -15.92 -33.85 17.56
CA ASP B 64 -16.85 -34.00 18.67
C ASP B 64 -17.02 -32.69 19.43
N VAL B 65 -18.25 -32.17 19.44
CA VAL B 65 -18.57 -30.87 20.08
C VAL B 65 -18.18 -30.84 21.57
N LYS B 66 -18.32 -31.97 22.25
CA LYS B 66 -17.99 -32.03 23.68
C LYS B 66 -16.50 -31.80 24.00
N ASP B 67 -15.62 -31.90 22.99
CA ASP B 67 -14.19 -31.63 23.18
C ASP B 67 -13.87 -30.12 23.31
N ALA B 68 -14.79 -29.28 22.86
CA ALA B 68 -14.65 -27.82 22.94
C ALA B 68 -14.05 -27.27 24.25
N LYS B 69 -13.14 -26.31 24.11
CA LYS B 69 -12.41 -25.69 25.21
C LYS B 69 -12.55 -24.16 25.12
N VAL B 70 -12.86 -23.50 26.23
CA VAL B 70 -12.96 -22.04 26.19
C VAL B 70 -11.55 -21.45 26.27
N ILE B 71 -11.17 -20.66 25.27
CA ILE B 71 -9.83 -20.08 25.23
C ILE B 71 -9.80 -18.71 25.88
N SER B 72 -10.82 -17.89 25.58
CA SER B 72 -10.85 -16.56 26.15
C SER B 72 -12.31 -16.13 26.41
N VAL B 73 -12.45 -15.22 27.37
CA VAL B 73 -13.75 -14.61 27.69
C VAL B 73 -13.49 -13.13 27.93
N SER B 74 -14.40 -12.25 27.52
CA SER B 74 -14.19 -10.84 27.70
C SER B 74 -15.52 -10.09 27.71
N THR B 75 -15.49 -8.86 28.22
CA THR B 75 -16.63 -7.95 28.13
C THR B 75 -16.14 -6.57 27.69
N GLY B 76 -17.08 -5.68 27.43
CA GLY B 76 -16.67 -4.31 27.09
C GLY B 76 -17.38 -3.77 25.86
N THR B 77 -17.67 -2.45 25.91
CA THR B 77 -18.24 -1.79 24.75
C THR B 77 -17.73 -0.36 24.53
N LYS B 78 -16.56 -0.04 25.11
CA LYS B 78 -16.01 1.31 25.11
C LYS B 78 -14.54 1.32 24.64
N CYS B 79 -14.07 2.49 24.23
CA CYS B 79 -12.68 2.64 23.80
C CYS B 79 -12.02 3.81 24.51
N ILE B 80 -10.73 3.97 24.27
CA ILE B 80 -9.89 4.90 24.98
C ILE B 80 -10.26 6.36 24.65
N ASN B 81 -10.09 7.24 25.63
CA ASN B 81 -10.08 8.66 25.37
C ASN B 81 -8.80 8.95 24.59
N GLY B 82 -8.94 9.62 23.44
CA GLY B 82 -7.79 10.01 22.60
C GLY B 82 -6.58 10.56 23.36
N GLU B 83 -6.85 11.35 24.41
CA GLU B 83 -5.82 12.00 25.21
C GLU B 83 -4.98 10.97 25.97
N TYR B 84 -5.46 9.74 26.13
CA TYR B 84 -4.77 8.70 26.89
C TYR B 84 -4.00 7.71 26.04
N MET B 85 -4.08 7.86 24.71
CA MET B 85 -3.32 6.97 23.83
C MET B 85 -1.83 7.03 24.14
N SER B 86 -1.18 5.87 24.11
CA SER B 86 0.21 5.70 24.52
C SER B 86 1.10 5.62 23.27
N ASP B 87 2.32 6.16 23.40
CA ASP B 87 3.37 5.94 22.40
C ASP B 87 4.39 4.92 22.87
N ARG B 88 4.10 4.27 24.00
CA ARG B 88 5.01 3.23 24.47
C ARG B 88 4.37 1.87 24.66
N GLY B 89 3.22 1.70 24.04
CA GLY B 89 2.59 0.38 23.95
C GLY B 89 1.87 -0.05 25.23
N LEU B 90 1.54 0.92 26.09
CA LEU B 90 1.01 0.58 27.44
C LEU B 90 -0.48 0.77 27.69
N ALA B 91 -1.22 1.20 26.68
CA ALA B 91 -2.64 1.46 26.90
C ALA B 91 -3.48 0.85 25.77
N LEU B 92 -4.51 0.10 26.13
CA LEU B 92 -5.39 -0.52 25.13
C LEU B 92 -6.24 0.53 24.43
N ASN B 93 -6.20 0.58 23.09
CA ASN B 93 -7.02 1.53 22.35
C ASN B 93 -8.49 1.18 22.35
N ASP B 94 -8.79 -0.12 22.42
CA ASP B 94 -10.11 -0.60 22.02
C ASP B 94 -10.52 -1.77 22.91
N CYS B 95 -11.51 -1.50 23.77
CA CYS B 95 -11.96 -2.52 24.72
C CYS B 95 -13.34 -3.08 24.38
N HIS B 96 -13.78 -3.01 23.12
CA HIS B 96 -14.97 -3.77 22.76
C HIS B 96 -14.65 -5.27 22.98
N ALA B 97 -15.58 -5.97 23.59
CA ALA B 97 -15.37 -7.34 24.03
C ALA B 97 -14.72 -8.21 22.95
N GLU B 98 -15.23 -8.12 21.72
CA GLU B 98 -14.72 -9.01 20.67
C GLU B 98 -13.24 -8.75 20.34
N ILE B 99 -12.84 -7.48 20.41
CA ILE B 99 -11.45 -7.07 20.17
C ILE B 99 -10.58 -7.66 21.27
N ILE B 100 -11.06 -7.52 22.50
CA ILE B 100 -10.32 -8.03 23.65
C ILE B 100 -10.21 -9.55 23.63
N SER B 101 -11.26 -10.24 23.21
CA SER B 101 -11.18 -11.71 23.07
C SER B 101 -10.12 -12.16 22.06
N ARG B 102 -9.97 -11.44 20.95
CA ARG B 102 -8.90 -11.80 20.00
C ARG B 102 -7.50 -11.61 20.65
N ARG B 103 -7.31 -10.51 21.36
CA ARG B 103 -6.01 -10.22 21.97
C ARG B 103 -5.67 -11.32 22.98
N SER B 104 -6.69 -11.75 23.75
CA SER B 104 -6.56 -12.87 24.70
C SER B 104 -6.15 -14.17 23.97
N LEU B 105 -6.79 -14.43 22.83
CA LEU B 105 -6.41 -15.56 21.98
C LEU B 105 -4.91 -15.54 21.62
N LEU B 106 -4.39 -14.34 21.34
CA LEU B 106 -2.96 -14.22 21.00
C LEU B 106 -2.06 -14.79 22.10
N ARG B 107 -2.39 -14.49 23.36
CA ARG B 107 -1.63 -15.05 24.47
C ARG B 107 -1.64 -16.58 24.46
N PHE B 108 -2.80 -17.16 24.18
CA PHE B 108 -2.88 -18.61 24.07
C PHE B 108 -1.98 -19.11 22.94
N LEU B 109 -2.02 -18.42 21.79
CA LEU B 109 -1.15 -18.83 20.65
C LEU B 109 0.33 -18.76 21.02
N TYR B 110 0.74 -17.72 21.75
CA TYR B 110 2.14 -17.64 22.17
C TYR B 110 2.50 -18.81 23.10
N THR B 111 1.62 -19.08 24.04
CA THR B 111 1.82 -20.20 25.00
C THR B 111 1.95 -21.53 24.25
N GLN B 112 1.10 -21.71 23.24
CA GLN B 112 1.08 -22.93 22.47
C GLN B 112 2.36 -23.10 21.63
N LEU B 113 2.87 -21.98 21.11
CA LEU B 113 4.17 -22.03 20.42
C LEU B 113 5.29 -22.42 21.39
N GLU B 114 5.32 -21.81 22.56
CA GLU B 114 6.34 -22.15 23.56
C GLU B 114 6.26 -23.63 24.00
N LEU B 115 5.05 -24.13 24.14
CA LEU B 115 4.84 -25.56 24.43
C LEU B 115 5.45 -26.40 23.32
N TYR B 116 5.11 -26.09 22.06
CA TYR B 116 5.67 -26.85 20.92
C TYR B 116 7.20 -26.89 20.99
N LEU B 117 7.79 -25.74 21.29
CA LEU B 117 9.24 -25.56 21.22
C LEU B 117 10.00 -26.29 22.33
N ASN B 118 9.27 -26.79 23.34
CA ASN B 118 9.92 -27.35 24.51
C ASN B 118 10.63 -28.68 24.25
N ASN B 119 9.90 -29.65 23.69
CA ASN B 119 10.48 -30.91 23.26
C ASN B 119 9.56 -31.64 22.30
N LYS B 120 10.01 -32.81 21.81
CA LYS B 120 9.29 -33.50 20.77
C LYS B 120 7.90 -34.00 21.23
N ASP B 121 7.79 -34.38 22.50
CA ASP B 121 6.48 -34.81 23.01
C ASP B 121 5.53 -33.65 23.20
N ASP B 122 6.07 -32.54 23.70
CA ASP B 122 5.29 -31.30 23.77
C ASP B 122 4.81 -30.77 22.40
N GLN B 123 5.64 -30.93 21.36
CA GLN B 123 5.15 -30.71 20.00
C GLN B 123 3.79 -31.35 19.79
N LYS B 124 3.69 -32.62 20.20
CA LYS B 124 2.48 -33.39 19.93
C LYS B 124 1.30 -32.93 20.75
N ARG B 125 1.59 -32.39 21.94
CA ARG B 125 0.60 -31.82 22.89
C ARG B 125 0.00 -30.53 22.36
N SER B 126 0.80 -29.79 21.60
CA SER B 126 0.51 -28.43 21.22
C SER B 126 -0.50 -28.44 20.08
N ILE B 127 -1.09 -27.28 19.80
CA ILE B 127 -1.97 -27.14 18.65
C ILE B 127 -1.21 -26.91 17.35
N PHE B 128 0.10 -26.71 17.44
CA PHE B 128 0.90 -26.39 16.26
C PHE B 128 1.68 -27.58 15.75
N GLN B 129 2.04 -27.54 14.48
CA GLN B 129 2.99 -28.52 13.97
C GLN B 129 3.89 -27.83 12.97
N LYS B 130 5.00 -28.49 12.65
CA LYS B 130 5.84 -27.98 11.57
C LYS B 130 5.10 -27.97 10.25
N SER B 131 5.21 -26.86 9.54
CA SER B 131 4.56 -26.75 8.25
C SER B 131 5.46 -27.22 7.10
N GLU B 132 4.81 -27.82 6.11
CA GLU B 132 5.41 -28.20 4.83
C GLU B 132 6.08 -27.01 4.14
N ARG B 133 5.64 -25.79 4.46
CA ARG B 133 6.10 -24.59 3.75
C ARG B 133 7.05 -23.76 4.60
N GLY B 134 7.46 -24.34 5.73
CA GLY B 134 8.38 -23.65 6.65
C GLY B 134 7.63 -23.13 7.86
N GLY B 135 8.37 -22.87 8.94
CA GLY B 135 7.67 -22.43 10.21
C GLY B 135 6.59 -23.39 10.68
N PHE B 136 5.54 -22.82 11.26
CA PHE B 136 4.52 -23.65 11.92
C PHE B 136 3.13 -23.36 11.41
N ARG B 137 2.23 -24.34 11.57
CA ARG B 137 0.82 -24.18 11.24
C ARG B 137 0.00 -25.00 12.24
N LEU B 138 -1.31 -24.79 12.25
CA LEU B 138 -2.17 -25.56 13.14
C LEU B 138 -2.22 -27.01 12.71
N LYS B 139 -2.39 -27.90 13.69
CA LYS B 139 -2.75 -29.27 13.37
C LYS B 139 -4.13 -29.30 12.68
N GLU B 140 -4.33 -30.29 11.82
CA GLU B 140 -5.62 -30.55 11.16
C GLU B 140 -6.77 -30.50 12.17
N ASN B 141 -7.89 -29.91 11.77
CA ASN B 141 -9.09 -29.92 12.63
C ASN B 141 -9.02 -29.11 13.93
N VAL B 142 -7.93 -28.41 14.20
CA VAL B 142 -7.97 -27.38 15.26
C VAL B 142 -8.72 -26.17 14.68
N GLN B 143 -9.82 -25.80 15.34
CA GLN B 143 -10.64 -24.67 14.89
C GLN B 143 -10.92 -23.73 16.05
N PHE B 144 -11.05 -22.44 15.73
CA PHE B 144 -11.46 -21.41 16.69
C PHE B 144 -12.78 -20.82 16.26
N HIS B 145 -13.64 -20.58 17.27
CA HIS B 145 -14.99 -20.08 17.05
C HIS B 145 -15.14 -18.82 17.91
N LEU B 146 -15.53 -17.73 17.27
CA LEU B 146 -15.79 -16.44 17.94
C LEU B 146 -17.24 -16.34 18.37
N TYR B 147 -17.41 -16.03 19.64
CA TYR B 147 -18.74 -15.70 20.14
C TYR B 147 -18.81 -14.22 20.56
N ILE B 148 -19.90 -13.55 20.17
CA ILE B 148 -20.23 -12.21 20.68
C ILE B 148 -21.68 -12.18 21.06
N SER B 149 -22.01 -11.59 22.21
CA SER B 149 -23.41 -11.64 22.63
C SER B 149 -24.35 -10.76 21.79
N THR B 150 -23.77 -9.93 20.91
CA THR B 150 -24.55 -9.14 19.99
C THR B 150 -23.76 -8.96 18.71
N SER B 151 -24.43 -8.53 17.64
CA SER B 151 -23.78 -8.25 16.36
C SER B 151 -22.69 -7.17 16.55
N PRO B 152 -21.51 -7.32 15.93
CA PRO B 152 -20.41 -6.36 16.18
C PRO B 152 -20.78 -4.96 15.65
N CYS B 153 -20.30 -3.92 16.34
CA CYS B 153 -20.64 -2.54 15.94
C CYS B 153 -20.17 -2.28 14.49
N GLY B 154 -20.70 -1.24 13.88
CA GLY B 154 -20.45 -1.04 12.44
C GLY B 154 -21.43 -1.79 11.56
N ASP B 155 -20.97 -2.11 10.34
CA ASP B 155 -21.84 -2.56 9.27
C ASP B 155 -22.84 -3.70 9.62
N ALA B 156 -22.40 -4.69 10.41
CA ALA B 156 -23.25 -5.85 10.71
C ALA B 156 -24.53 -5.45 11.44
N ARG B 157 -24.46 -4.32 12.16
CA ARG B 157 -25.59 -3.90 13.02
C ARG B 157 -26.46 -2.79 12.38
N ILE B 158 -26.23 -2.49 11.09
CA ILE B 158 -26.91 -1.36 10.43
C ILE B 158 -28.18 -1.86 9.70
N PHE B 159 -29.19 -2.13 10.51
CA PHE B 159 -30.50 -2.58 10.01
C PHE B 159 -31.58 -2.32 11.05
N SER B 160 -32.85 -2.42 10.63
CA SER B 160 -33.97 -2.32 11.57
C SER B 160 -34.42 -3.73 11.93
N PRO B 161 -34.25 -4.12 13.19
CA PRO B 161 -34.70 -5.45 13.65
C PRO B 161 -36.19 -5.70 13.44
N HIS B 162 -36.98 -4.63 13.42
CA HIS B 162 -38.44 -4.79 13.28
C HIS B 162 -38.92 -4.55 11.86
N GLU B 163 -37.98 -4.64 10.91
CA GLU B 163 -38.25 -4.69 9.47
C GLU B 163 -38.90 -3.42 8.94
N ARG B 176 -33.93 0.61 0.79
CA ARG B 176 -32.79 0.98 1.63
C ARG B 176 -31.51 1.11 0.81
N LYS B 177 -30.87 2.28 0.89
CA LYS B 177 -29.55 2.51 0.26
C LYS B 177 -28.56 1.42 0.68
N ALA B 178 -27.78 0.92 -0.29
CA ALA B 178 -26.79 -0.13 -0.05
C ALA B 178 -25.80 0.25 1.06
N ARG B 179 -25.34 -0.75 1.82
CA ARG B 179 -24.46 -0.50 2.96
C ARG B 179 -23.02 -1.03 2.69
N GLY B 180 -22.38 -1.59 3.71
CA GLY B 180 -20.98 -2.02 3.60
C GLY B 180 -19.91 -1.01 3.97
N GLN B 181 -20.28 0.28 4.12
CA GLN B 181 -19.28 1.32 4.39
C GLN B 181 -18.44 1.05 5.66
N LEU B 182 -17.14 1.28 5.58
CA LEU B 182 -16.30 1.37 6.79
C LEU B 182 -16.86 2.41 7.74
N ARG B 183 -16.71 2.14 9.03
CA ARG B 183 -17.21 3.01 10.10
C ARG B 183 -16.22 3.08 11.24
N THR B 184 -16.19 4.21 11.93
CA THR B 184 -15.32 4.40 13.08
C THR B 184 -16.08 4.52 14.38
N LYS B 185 -15.43 4.09 15.46
CA LYS B 185 -16.02 4.22 16.79
C LYS B 185 -16.03 5.71 17.18
N ILE B 186 -17.10 6.19 17.78
CA ILE B 186 -17.08 7.57 18.27
C ILE B 186 -16.60 7.60 19.70
N GLU B 187 -15.67 8.51 19.95
CA GLU B 187 -15.17 8.79 21.27
C GLU B 187 -16.35 9.08 22.21
N SER B 188 -16.37 8.41 23.35
CA SER B 188 -17.35 8.66 24.42
C SER B 188 -18.74 8.06 24.18
N GLY B 189 -18.91 7.34 23.07
CA GLY B 189 -20.14 6.58 22.80
C GLY B 189 -19.86 5.09 22.71
N GLU B 190 -20.85 4.33 22.26
CA GLU B 190 -20.71 2.88 22.10
C GLU B 190 -20.83 2.43 20.64
N GLY B 191 -21.30 3.32 19.78
CA GLY B 191 -21.50 2.98 18.37
C GLY B 191 -20.50 3.66 17.42
N THR B 192 -20.89 3.72 16.16
CA THR B 192 -19.98 4.13 15.11
C THR B 192 -20.63 5.11 14.12
N ILE B 193 -19.78 5.78 13.38
CA ILE B 193 -20.20 6.65 12.27
C ILE B 193 -19.41 6.26 11.00
N PRO B 194 -20.00 6.48 9.81
CA PRO B 194 -19.28 6.20 8.55
C PRO B 194 -17.97 6.98 8.42
N VAL B 195 -16.95 6.37 7.82
CA VAL B 195 -15.72 7.12 7.47
C VAL B 195 -16.04 8.24 6.47
N LEU B 213 -6.56 9.71 17.35
CA LEU B 213 -7.18 9.45 16.04
C LEU B 213 -8.13 8.25 16.12
N LEU B 214 -8.90 8.09 15.06
CA LEU B 214 -10.10 7.26 15.09
C LEU B 214 -9.78 5.77 15.06
N THR B 215 -10.71 4.96 15.60
CA THR B 215 -10.56 3.51 15.67
C THR B 215 -11.67 2.84 14.86
N MET B 216 -11.33 1.81 14.08
CA MET B 216 -12.30 1.20 13.16
C MET B 216 -13.35 0.40 13.96
N SER B 217 -14.56 0.30 13.42
CA SER B 217 -15.62 -0.53 14.02
C SER B 217 -15.21 -2.00 14.12
N CYS B 218 -15.90 -2.74 14.97
CA CYS B 218 -15.63 -4.18 15.11
C CYS B 218 -16.02 -4.95 13.84
N SER B 219 -17.08 -4.53 13.15
CA SER B 219 -17.46 -5.20 11.90
C SER B 219 -16.29 -5.15 10.91
N ASP B 220 -15.63 -4.00 10.84
CA ASP B 220 -14.48 -3.80 9.95
C ASP B 220 -13.28 -4.63 10.39
N LYS B 221 -13.00 -4.59 11.69
CA LYS B 221 -11.90 -5.35 12.21
C LYS B 221 -12.09 -6.83 11.98
N ILE B 222 -13.32 -7.35 12.10
CA ILE B 222 -13.53 -8.80 11.90
C ILE B 222 -13.41 -9.16 10.41
N ALA B 223 -13.95 -8.30 9.54
CA ALA B 223 -13.74 -8.45 8.09
C ALA B 223 -12.24 -8.51 7.79
N ARG B 224 -11.47 -7.62 8.44
CA ARG B 224 -10.02 -7.65 8.30
C ARG B 224 -9.45 -8.99 8.75
N TRP B 225 -9.92 -9.49 9.90
CA TRP B 225 -9.45 -10.82 10.36
C TRP B 225 -9.79 -11.95 9.42
N ASN B 226 -10.85 -11.76 8.63
CA ASN B 226 -11.28 -12.75 7.64
C ASN B 226 -10.46 -12.67 6.35
N VAL B 227 -9.45 -11.80 6.33
CA VAL B 227 -8.53 -11.74 5.19
C VAL B 227 -7.11 -11.94 5.66
N VAL B 228 -6.68 -11.18 6.68
CA VAL B 228 -5.28 -11.25 7.13
C VAL B 228 -5.06 -12.30 8.24
N GLY B 229 -6.15 -12.90 8.68
CA GLY B 229 -6.14 -13.85 9.79
C GLY B 229 -6.35 -13.16 11.15
N ILE B 230 -6.47 -13.97 12.19
CA ILE B 230 -6.72 -13.43 13.54
C ILE B 230 -5.42 -13.26 14.32
N GLN B 231 -4.31 -13.76 13.76
CA GLN B 231 -3.08 -13.84 14.55
C GLN B 231 -2.24 -12.57 14.59
N GLY B 232 -2.56 -11.57 13.77
CA GLY B 232 -1.72 -10.38 13.69
C GLY B 232 -0.43 -10.54 12.88
N SER B 233 0.27 -9.41 12.74
CA SER B 233 1.47 -9.37 11.89
C SER B 233 2.63 -10.12 12.58
N LEU B 234 2.82 -9.83 13.87
CA LEU B 234 3.95 -10.43 14.59
C LEU B 234 3.90 -11.96 14.62
N LEU B 235 2.76 -12.52 15.00
CA LEU B 235 2.65 -13.98 15.04
C LEU B 235 2.78 -14.61 13.65
N SER B 236 2.43 -13.86 12.59
CA SER B 236 2.61 -14.37 11.21
C SER B 236 4.08 -14.60 10.83
N ILE B 237 4.99 -14.02 11.59
CA ILE B 237 6.43 -14.27 11.38
C ILE B 237 6.74 -15.74 11.76
N PHE B 238 5.96 -16.31 12.68
CA PHE B 238 6.18 -17.69 13.16
C PHE B 238 5.22 -18.70 12.54
N VAL B 239 3.95 -18.30 12.39
CA VAL B 239 2.87 -19.22 12.02
C VAL B 239 2.09 -18.79 10.79
N GLU B 240 1.46 -19.74 10.12
CA GLU B 240 0.64 -19.47 8.93
C GLU B 240 -0.68 -18.79 9.38
N PRO B 241 -1.33 -18.04 8.49
CA PRO B 241 -2.56 -17.33 8.86
C PRO B 241 -3.61 -18.27 9.47
N ILE B 242 -4.24 -17.80 10.56
CA ILE B 242 -5.28 -18.56 11.26
C ILE B 242 -6.58 -17.77 11.12
N TYR B 243 -7.68 -18.47 10.81
CA TYR B 243 -8.99 -17.82 10.66
C TYR B 243 -10.00 -18.36 11.66
N PHE B 244 -10.99 -17.55 12.03
CA PHE B 244 -12.15 -18.12 12.75
C PHE B 244 -12.95 -19.02 11.83
N SER B 245 -13.32 -20.19 12.33
CA SER B 245 -14.21 -21.10 11.59
C SER B 245 -15.69 -20.72 11.72
N SER B 246 -16.03 -20.00 12.79
CA SER B 246 -17.41 -19.63 13.07
C SER B 246 -17.43 -18.24 13.70
N ILE B 247 -18.50 -17.47 13.40
CA ILE B 247 -18.84 -16.24 14.14
C ILE B 247 -20.28 -16.42 14.61
N ILE B 248 -20.45 -16.49 15.93
CA ILE B 248 -21.74 -16.80 16.55
C ILE B 248 -22.24 -15.59 17.34
N LEU B 249 -23.49 -15.15 17.11
CA LEU B 249 -24.01 -13.93 17.75
C LEU B 249 -25.16 -14.24 18.68
N GLY B 250 -25.13 -13.67 19.88
CA GLY B 250 -26.21 -13.89 20.86
C GLY B 250 -27.44 -13.03 20.69
N SER B 251 -27.39 -12.08 19.74
CA SER B 251 -28.50 -11.15 19.52
C SER B 251 -28.19 -10.32 18.27
N LEU B 252 -29.24 -9.78 17.66
CA LEU B 252 -29.13 -8.94 16.45
C LEU B 252 -28.51 -9.71 15.28
N TYR B 253 -28.71 -11.03 15.27
CA TYR B 253 -28.28 -11.83 14.15
C TYR B 253 -29.20 -11.61 12.94
N HIS B 254 -28.62 -11.22 11.82
CA HIS B 254 -29.34 -11.20 10.55
C HIS B 254 -28.39 -11.71 9.48
N GLY B 255 -28.79 -12.80 8.81
CA GLY B 255 -27.92 -13.45 7.83
C GLY B 255 -27.39 -12.53 6.74
N ASP B 256 -28.25 -11.65 6.22
CA ASP B 256 -27.87 -10.81 5.09
C ASP B 256 -26.88 -9.76 5.57
N HIS B 257 -27.19 -9.10 6.69
CA HIS B 257 -26.33 -8.01 7.14
C HIS B 257 -25.01 -8.51 7.69
N LEU B 258 -25.04 -9.63 8.42
CA LEU B 258 -23.80 -10.18 8.94
C LEU B 258 -22.85 -10.70 7.83
N SER B 259 -23.42 -11.40 6.84
CA SER B 259 -22.62 -11.92 5.72
C SER B 259 -21.99 -10.77 4.93
N ARG B 260 -22.76 -9.72 4.66
CA ARG B 260 -22.22 -8.56 3.98
C ARG B 260 -21.07 -8.02 4.81
N ALA B 261 -21.30 -7.83 6.12
CA ALA B 261 -20.28 -7.18 6.95
C ALA B 261 -18.98 -8.02 7.08
N MET B 262 -19.16 -9.34 7.22
CA MET B 262 -18.06 -10.21 7.57
C MET B 262 -17.18 -10.56 6.37
N TYR B 263 -17.74 -10.52 5.16
CA TYR B 263 -16.92 -10.89 3.99
C TYR B 263 -17.48 -10.43 2.65
N GLN B 264 -18.79 -10.48 2.49
CA GLN B 264 -19.32 -10.34 1.13
C GLN B 264 -19.06 -8.96 0.53
N ARG B 265 -19.01 -7.96 1.39
CA ARG B 265 -18.80 -6.59 0.89
C ARG B 265 -17.42 -6.42 0.21
N ILE B 266 -16.47 -7.28 0.57
CA ILE B 266 -15.11 -7.26 -0.02
C ILE B 266 -14.85 -8.54 -0.85
N SER B 267 -15.93 -9.08 -1.40
CA SER B 267 -15.80 -10.22 -2.31
C SER B 267 -14.95 -9.85 -3.55
N ASN B 268 -14.78 -8.56 -3.81
CA ASN B 268 -13.88 -8.04 -4.88
C ASN B 268 -12.36 -8.13 -4.59
N ILE B 269 -11.99 -8.64 -3.42
CA ILE B 269 -10.57 -8.68 -3.03
C ILE B 269 -9.81 -9.63 -3.95
N GLU B 270 -8.56 -9.32 -4.23
CA GLU B 270 -7.77 -10.22 -5.10
C GLU B 270 -6.29 -10.12 -4.87
N ASP B 271 -5.56 -11.02 -5.53
CA ASP B 271 -4.10 -10.99 -5.51
C ASP B 271 -3.53 -11.12 -4.10
N LEU B 272 -4.18 -11.95 -3.27
CA LEU B 272 -3.68 -12.18 -1.90
C LEU B 272 -2.41 -13.05 -1.97
N PRO B 273 -1.47 -12.86 -1.03
CA PRO B 273 -0.28 -13.74 -0.97
C PRO B 273 -0.68 -15.17 -0.61
N PRO B 274 0.23 -16.13 -0.80
CA PRO B 274 -0.09 -17.53 -0.52
C PRO B 274 -0.66 -17.74 0.90
N LEU B 275 -1.65 -18.62 0.99
CA LEU B 275 -2.34 -19.03 2.24
C LEU B 275 -3.34 -18.00 2.75
N TYR B 276 -3.27 -16.77 2.25
CA TYR B 276 -4.30 -15.77 2.58
C TYR B 276 -5.50 -15.94 1.67
N THR B 277 -6.69 -15.84 2.25
CA THR B 277 -7.92 -16.00 1.48
C THR B 277 -9.02 -15.13 2.09
N LEU B 278 -10.11 -14.93 1.35
CA LEU B 278 -11.32 -14.35 1.96
C LEU B 278 -12.07 -15.47 2.68
N ASN B 279 -11.88 -15.49 3.99
CA ASN B 279 -12.47 -16.50 4.86
C ASN B 279 -13.98 -16.27 5.01
N LYS B 280 -14.75 -17.33 4.83
CA LYS B 280 -16.22 -17.28 4.95
C LYS B 280 -16.68 -18.25 6.04
N PRO B 281 -16.64 -17.82 7.30
CA PRO B 281 -16.91 -18.74 8.41
C PRO B 281 -18.40 -19.04 8.55
N LEU B 282 -18.72 -20.10 9.28
CA LEU B 282 -20.09 -20.30 9.72
C LEU B 282 -20.56 -19.02 10.39
N LEU B 283 -21.75 -18.57 10.02
CA LEU B 283 -22.40 -17.47 10.70
C LEU B 283 -23.68 -18.01 11.32
N SER B 284 -23.90 -17.71 12.59
CA SER B 284 -25.12 -18.24 13.22
C SER B 284 -25.55 -17.37 14.42
N GLY B 285 -26.85 -17.35 14.68
CA GLY B 285 -27.39 -16.83 15.94
C GLY B 285 -27.53 -18.00 16.92
N ILE B 286 -28.12 -17.75 18.09
CA ILE B 286 -28.32 -18.82 19.07
C ILE B 286 -29.83 -19.09 19.27
N SER B 287 -30.16 -20.22 19.86
CA SER B 287 -31.58 -20.60 20.04
C SER B 287 -32.38 -19.69 20.98
N ASN B 288 -31.72 -19.13 21.98
CA ASN B 288 -32.39 -18.22 22.88
C ASN B 288 -31.67 -16.88 22.90
N ALA B 289 -32.03 -16.02 21.95
CA ALA B 289 -31.28 -14.78 21.73
C ALA B 289 -31.48 -13.78 22.86
N GLU B 290 -30.45 -12.98 23.10
CA GLU B 290 -30.53 -11.90 24.09
C GLU B 290 -31.35 -10.71 23.57
N ALA B 291 -31.73 -9.83 24.50
CA ALA B 291 -32.60 -8.67 24.23
C ALA B 291 -31.82 -7.37 24.45
N ARG B 292 -32.33 -6.27 23.91
CA ARG B 292 -31.72 -4.96 24.13
C ARG B 292 -31.90 -4.58 25.59
N GLN B 293 -30.82 -4.10 26.22
CA GLN B 293 -30.84 -3.61 27.59
C GLN B 293 -30.46 -2.13 27.61
N PRO B 294 -31.44 -1.23 27.68
CA PRO B 294 -31.15 0.21 27.78
C PRO B 294 -30.65 0.54 29.20
N GLY B 295 -29.71 1.45 29.42
CA GLY B 295 -29.00 2.22 28.44
C GLY B 295 -27.48 2.17 28.68
N LYS B 296 -26.99 2.86 29.71
CA LYS B 296 -25.53 3.09 29.96
C LYS B 296 -24.63 1.87 30.28
N ALA B 297 -23.73 1.57 29.36
CA ALA B 297 -22.79 0.47 29.54
C ALA B 297 -21.70 0.73 30.61
N PRO B 298 -21.19 -0.32 31.25
CA PRO B 298 -20.06 -0.17 32.15
C PRO B 298 -18.84 0.41 31.46
N ASN B 299 -18.01 1.11 32.22
CA ASN B 299 -16.81 1.75 31.68
C ASN B 299 -15.59 0.83 31.75
N PHE B 300 -15.78 -0.39 32.22
CA PHE B 300 -14.66 -1.34 32.31
C PHE B 300 -14.83 -2.52 31.32
N SER B 301 -13.74 -3.24 31.12
CA SER B 301 -13.70 -4.40 30.23
C SER B 301 -12.92 -5.47 30.99
N VAL B 302 -13.47 -6.68 31.05
CA VAL B 302 -12.73 -7.76 31.68
C VAL B 302 -12.14 -8.69 30.60
N ASN B 303 -11.05 -9.36 30.94
CA ASN B 303 -10.50 -10.37 30.05
C ASN B 303 -9.94 -11.55 30.84
N TRP B 304 -9.86 -12.68 30.16
CA TRP B 304 -9.31 -13.91 30.73
C TRP B 304 -8.90 -14.82 29.59
N THR B 305 -7.76 -15.47 29.75
CA THR B 305 -7.32 -16.51 28.80
C THR B 305 -7.12 -17.80 29.58
N VAL B 306 -7.43 -18.93 28.93
CA VAL B 306 -7.22 -20.26 29.54
C VAL B 306 -5.81 -20.34 30.14
N GLY B 307 -5.76 -20.85 31.37
CA GLY B 307 -4.53 -20.90 32.15
C GLY B 307 -4.38 -19.79 33.18
N ASP B 308 -5.08 -18.67 32.96
CA ASP B 308 -5.03 -17.55 33.89
C ASP B 308 -5.86 -17.90 35.14
N SER B 309 -5.41 -17.46 36.30
CA SER B 309 -6.14 -17.74 37.54
C SER B 309 -7.39 -16.89 37.70
N ALA B 310 -7.40 -15.70 37.08
CA ALA B 310 -8.51 -14.76 37.26
C ALA B 310 -8.65 -13.76 36.13
N ILE B 311 -9.78 -13.05 36.14
CA ILE B 311 -9.97 -11.95 35.20
C ILE B 311 -9.00 -10.82 35.45
N GLU B 312 -8.76 -10.04 34.40
CA GLU B 312 -8.12 -8.74 34.52
C GLU B 312 -9.18 -7.71 34.18
N VAL B 313 -9.21 -6.63 34.94
CA VAL B 313 -10.21 -5.58 34.79
C VAL B 313 -9.54 -4.29 34.32
N ILE B 314 -9.95 -3.81 33.15
CA ILE B 314 -9.35 -2.64 32.52
C ILE B 314 -10.39 -1.53 32.41
N ASN B 315 -9.98 -0.32 32.78
CA ASN B 315 -10.77 0.87 32.56
C ASN B 315 -10.70 1.23 31.07
N ALA B 316 -11.82 1.16 30.36
CA ALA B 316 -11.84 1.42 28.91
C ALA B 316 -11.34 2.81 28.55
N THR B 317 -11.59 3.78 29.44
CA THR B 317 -11.27 5.18 29.15
C THR B 317 -9.76 5.43 29.11
N THR B 318 -9.02 4.77 29.99
CA THR B 318 -7.55 4.88 30.06
C THR B 318 -6.83 3.74 29.35
N GLY B 319 -7.55 2.63 29.11
CA GLY B 319 -6.91 1.43 28.53
C GLY B 319 -5.94 0.74 29.48
N LYS B 320 -5.99 1.10 30.77
CA LYS B 320 -5.13 0.48 31.79
C LYS B 320 -6.00 -0.05 32.93
N ASP B 321 -5.39 -0.79 33.85
CA ASP B 321 -6.19 -1.32 34.95
C ASP B 321 -6.48 -0.23 35.97
N GLU B 322 -7.22 -0.57 37.01
CA GLU B 322 -7.66 0.45 37.97
C GLU B 322 -6.52 1.10 38.77
N LEU B 323 -5.37 0.44 38.85
CA LEU B 323 -4.22 1.02 39.54
C LEU B 323 -3.28 1.73 38.57
N GLY B 324 -3.72 1.90 37.31
CA GLY B 324 -2.92 2.55 36.30
C GLY B 324 -1.81 1.67 35.73
N ARG B 325 -1.93 0.36 35.93
CA ARG B 325 -0.94 -0.59 35.41
C ARG B 325 -1.33 -1.10 34.02
N ALA B 326 -0.33 -1.40 33.21
CA ALA B 326 -0.55 -1.89 31.84
C ALA B 326 -1.20 -3.29 31.84
N SER B 327 -2.11 -3.50 30.89
CA SER B 327 -2.78 -4.80 30.67
C SER B 327 -1.83 -5.87 30.17
N ARG B 328 -2.11 -7.12 30.54
CA ARG B 328 -1.42 -8.25 29.92
C ARG B 328 -1.71 -8.37 28.40
N LEU B 329 -2.65 -7.54 27.92
CA LEU B 329 -3.03 -7.53 26.48
C LEU B 329 -2.47 -6.35 25.75
N CYS B 330 -1.74 -5.45 26.42
CA CYS B 330 -1.29 -4.25 25.71
C CYS B 330 -0.20 -4.59 24.71
N LYS B 331 0.02 -3.71 23.74
CA LYS B 331 1.10 -3.88 22.74
C LYS B 331 2.42 -4.34 23.36
N HIS B 332 2.85 -3.65 24.41
CA HIS B 332 4.16 -3.92 25.01
C HIS B 332 4.20 -5.36 25.59
N ALA B 333 3.10 -5.73 26.27
CA ALA B 333 2.95 -7.08 26.81
C ALA B 333 2.98 -8.14 25.72
N LEU B 334 2.24 -7.92 24.63
CA LEU B 334 2.23 -8.89 23.54
C LEU B 334 3.64 -8.98 22.92
N TYR B 335 4.30 -7.83 22.81
CA TYR B 335 5.64 -7.78 22.23
C TYR B 335 6.64 -8.54 23.09
N CYS B 336 6.48 -8.42 24.42
CA CYS B 336 7.29 -9.19 25.37
C CYS B 336 7.15 -10.70 25.08
N ARG B 337 5.91 -11.16 24.93
CA ARG B 337 5.65 -12.56 24.55
C ARG B 337 6.32 -12.94 23.23
N TRP B 338 6.17 -12.08 22.24
CA TRP B 338 6.73 -12.34 20.90
C TRP B 338 8.26 -12.44 20.97
N MET B 339 8.87 -11.52 21.71
CA MET B 339 10.33 -11.50 21.84
C MET B 339 10.85 -12.80 22.46
N ARG B 340 10.13 -13.32 23.45
CA ARG B 340 10.55 -14.56 24.13
C ARG B 340 10.49 -15.71 23.14
N VAL B 341 9.45 -15.74 22.32
CA VAL B 341 9.35 -16.76 21.29
C VAL B 341 10.42 -16.61 20.22
N HIS B 342 10.67 -15.37 19.79
CA HIS B 342 11.73 -15.12 18.82
C HIS B 342 13.08 -15.70 19.27
N GLY B 343 13.38 -15.56 20.55
CA GLY B 343 14.61 -16.14 21.12
C GLY B 343 14.69 -17.66 21.05
N LYS B 344 13.53 -18.31 21.03
CA LYS B 344 13.45 -19.78 21.01
C LYS B 344 13.31 -20.38 19.62
N VAL B 345 12.88 -19.59 18.62
CA VAL B 345 12.68 -20.16 17.30
C VAL B 345 14.02 -20.12 16.51
N PRO B 346 14.52 -21.27 16.05
CA PRO B 346 15.75 -21.26 15.22
C PRO B 346 15.54 -20.37 13.97
N SER B 347 16.54 -19.58 13.59
CA SER B 347 16.44 -18.69 12.42
C SER B 347 15.87 -19.33 11.15
N HIS B 348 16.29 -20.56 10.85
CA HIS B 348 15.81 -21.24 9.62
C HIS B 348 14.32 -21.55 9.64
N LEU B 349 13.73 -21.57 10.85
CA LEU B 349 12.30 -21.90 10.97
C LEU B 349 11.39 -20.67 10.92
N LEU B 350 11.96 -19.47 10.89
CA LEU B 350 11.11 -18.26 10.78
C LEU B 350 10.48 -18.19 9.39
N ARG B 351 9.21 -17.74 9.32
CA ARG B 351 8.54 -17.57 8.03
C ARG B 351 8.94 -16.25 7.36
N SER B 352 9.29 -15.24 8.17
CA SER B 352 9.90 -13.99 7.69
C SER B 352 11.23 -13.78 8.37
N LYS B 353 12.21 -13.33 7.58
CA LYS B 353 13.51 -12.98 8.17
C LYS B 353 13.42 -11.79 9.11
N ILE B 354 14.03 -11.93 10.29
CA ILE B 354 14.15 -10.81 11.22
C ILE B 354 15.22 -11.12 12.25
N THR B 355 16.35 -10.46 12.11
CA THR B 355 17.57 -10.84 12.83
C THR B 355 17.74 -10.27 14.24
N LYS B 356 17.55 -8.97 14.38
CA LYS B 356 17.79 -8.33 15.67
C LYS B 356 16.60 -7.45 15.91
N PRO B 357 15.47 -8.04 16.29
CA PRO B 357 14.24 -7.25 16.47
C PRO B 357 14.45 -6.19 17.55
N ASN B 358 13.96 -4.97 17.31
CA ASN B 358 14.11 -3.88 18.25
C ASN B 358 12.81 -3.08 18.40
N VAL B 359 12.59 -2.12 17.51
CA VAL B 359 11.39 -1.30 17.54
C VAL B 359 10.17 -2.12 17.12
N TYR B 360 9.12 -2.08 17.94
CA TYR B 360 7.83 -2.74 17.66
C TYR B 360 7.35 -2.54 16.20
N HIS B 361 7.20 -1.28 15.78
CA HIS B 361 6.77 -0.95 14.42
C HIS B 361 7.60 -1.66 13.35
N GLU B 362 8.92 -1.67 13.54
CA GLU B 362 9.85 -2.32 12.60
C GLU B 362 9.69 -3.83 12.55
N SER B 363 9.45 -4.43 13.72
CA SER B 363 9.24 -5.86 13.77
C SER B 363 7.98 -6.26 12.99
N LYS B 364 6.93 -5.46 13.12
CA LYS B 364 5.69 -5.72 12.40
C LYS B 364 5.93 -5.66 10.89
N LEU B 365 6.73 -4.67 10.47
CA LEU B 365 7.08 -4.48 9.05
C LEU B 365 7.87 -5.62 8.44
N ALA B 366 8.58 -6.37 9.28
CA ALA B 366 9.27 -7.57 8.84
C ALA B 366 8.32 -8.65 8.30
N ALA B 367 7.04 -8.60 8.69
CA ALA B 367 6.07 -9.61 8.26
C ALA B 367 5.56 -9.20 6.88
N LYS B 368 6.42 -9.37 5.87
CA LYS B 368 6.13 -8.76 4.57
C LYS B 368 4.82 -9.22 3.94
N GLU B 369 4.57 -10.52 4.00
CA GLU B 369 3.38 -11.11 3.40
C GLU B 369 2.10 -10.59 4.06
N TYR B 370 2.12 -10.51 5.38
CA TYR B 370 0.98 -9.99 6.10
C TYR B 370 0.70 -8.56 5.65
N GLN B 371 1.76 -7.76 5.52
CA GLN B 371 1.61 -6.35 5.14
C GLN B 371 1.02 -6.26 3.73
N ALA B 372 1.46 -7.17 2.86
CA ALA B 372 0.91 -7.23 1.48
C ALA B 372 -0.58 -7.55 1.50
N ALA B 373 -0.98 -8.50 2.36
CA ALA B 373 -2.39 -8.86 2.49
C ALA B 373 -3.19 -7.68 3.01
N LYS B 374 -2.65 -6.98 4.01
CA LYS B 374 -3.31 -5.78 4.53
C LYS B 374 -3.57 -4.77 3.42
N ALA B 375 -2.55 -4.55 2.57
CA ALA B 375 -2.69 -3.58 1.44
C ALA B 375 -3.79 -4.00 0.46
N ARG B 376 -3.92 -5.32 0.24
CA ARG B 376 -4.99 -5.86 -0.62
C ARG B 376 -6.36 -5.59 0.01
N LEU B 377 -6.41 -5.77 1.32
CA LEU B 377 -7.64 -5.55 2.09
C LEU B 377 -8.09 -4.08 1.95
N PHE B 378 -7.16 -3.15 2.20
CA PHE B 378 -7.46 -1.73 2.14
C PHE B 378 -7.95 -1.38 0.73
N THR B 379 -7.25 -1.93 -0.28
CA THR B 379 -7.64 -1.79 -1.70
C THR B 379 -9.08 -2.27 -1.98
N ALA B 380 -9.45 -3.43 -1.44
CA ALA B 380 -10.78 -3.97 -1.64
C ALA B 380 -11.84 -3.00 -1.14
N PHE B 381 -11.69 -2.46 0.08
CA PHE B 381 -12.70 -1.54 0.58
C PHE B 381 -12.76 -0.29 -0.33
N ILE B 382 -11.60 0.22 -0.73
CA ILE B 382 -11.62 1.50 -1.48
C ILE B 382 -12.29 1.26 -2.83
N LYS B 383 -11.88 0.19 -3.50
CA LYS B 383 -12.48 -0.14 -4.81
C LYS B 383 -13.96 -0.47 -4.79
N ALA B 384 -14.44 -0.97 -3.64
CA ALA B 384 -15.85 -1.31 -3.51
C ALA B 384 -16.68 -0.06 -3.16
N GLY B 385 -16.03 1.10 -3.09
CA GLY B 385 -16.69 2.35 -2.73
C GLY B 385 -17.09 2.42 -1.27
N LEU B 386 -16.34 1.73 -0.42
CA LEU B 386 -16.68 1.59 1.01
C LEU B 386 -15.84 2.48 1.93
N GLY B 387 -14.91 3.24 1.34
CA GLY B 387 -14.04 4.12 2.10
C GLY B 387 -12.66 3.59 2.42
N ALA B 388 -11.88 4.47 3.03
CA ALA B 388 -10.48 4.23 3.37
C ALA B 388 -10.33 3.84 4.84
N TRP B 389 -9.57 2.78 5.07
CA TRP B 389 -9.15 2.38 6.42
C TRP B 389 -8.40 3.51 7.12
N VAL B 390 -8.67 3.68 8.42
CA VAL B 390 -7.96 4.69 9.20
C VAL B 390 -6.91 3.98 10.04
N GLU B 391 -5.65 4.32 9.79
CA GLU B 391 -4.55 3.75 10.56
C GLU B 391 -4.05 4.78 11.55
N LYS B 392 -3.63 4.33 12.73
CA LYS B 392 -3.05 5.22 13.75
C LYS B 392 -1.71 5.80 13.26
N PRO B 393 -1.29 6.96 13.80
CA PRO B 393 0.07 7.47 13.50
C PRO B 393 1.15 6.43 13.80
N THR B 394 2.19 6.38 12.98
CA THR B 394 3.30 5.43 13.20
C THR B 394 3.89 5.50 14.62
N GLU B 395 3.78 6.68 15.24
CA GLU B 395 4.38 6.95 16.55
C GLU B 395 3.89 6.02 17.67
N GLN B 396 2.63 5.58 17.58
CA GLN B 396 2.07 4.67 18.57
C GLN B 396 2.85 3.36 18.66
N ASP B 397 3.44 2.92 17.55
CA ASP B 397 4.14 1.64 17.51
C ASP B 397 5.67 1.80 17.53
N GLN B 398 6.12 3.05 17.62
CA GLN B 398 7.56 3.30 17.69
C GLN B 398 8.05 3.33 19.14
N PHE B 399 8.27 2.14 19.69
CA PHE B 399 8.83 1.92 21.02
C PHE B 399 9.58 0.60 21.00
N SER B 400 10.51 0.44 21.95
CA SER B 400 11.20 -0.82 22.18
C SER B 400 10.84 -1.36 23.56
N LEU B 401 11.18 -2.62 23.81
CA LEU B 401 10.89 -3.28 25.09
C LEU B 401 11.71 -2.68 26.22
N THR B 402 11.03 -2.33 27.31
CA THR B 402 11.70 -1.71 28.47
C THR B 402 12.07 -2.72 29.56
#